data_5IC4
#
_entry.id   5IC4
#
_cell.length_a   133.820
_cell.length_b   177.796
_cell.length_c   193.430
_cell.angle_alpha   90.00
_cell.angle_beta   90.00
_cell.angle_gamma   90.00
#
_symmetry.space_group_name_H-M   'F 2 2 2'
#
loop_
_entity.id
_entity.type
_entity.pdbx_description
1 polymer 'Caspase-3 subunit p17'
2 polymer 'Caspase-3 subunit p12'
3 polymer 'DEVE peptide'
4 water water
#
loop_
_entity_poly.entity_id
_entity_poly.type
_entity_poly.pdbx_seq_one_letter_code
_entity_poly.pdbx_strand_id
1 'polypeptide(L)'
;MENTENSVDSKSIKNLEPKIIHGSESMDSGISLDNSYKMDYPEMGLCIIINNKNFHKSTGMTSRSGTDVDAANLRETFRN
LKYEVRNKNDLTREEIVELMRDVSKEDHSKRSSFVCVLLSHGEEGIIFGTNGPVDLKKITNFFRGDRCRSLTGKPKLFII
QACRGTELDCGIETD
;
A,C,E,G
2 'polypeptide(L)'
;SGVDDDMACHKIPVEADFLYAYSTAPGYYSWRNSKDGSWFIQSLCAMLKQYADKLEFMHILTRVNRKVATEFESFSFDAT
FHAKKQIPCIVSMLTKELYFYHHHHHH
;
B,D,F,H
3 'polypeptide(L)' DEV(MKE) I,J,K,L
#
loop_
_chem_comp.id
_chem_comp.type
_chem_comp.name
_chem_comp.formula
MKE non-polymer '(4S)-4-AMINO-5-OXOHEXANOIC ACID' 'C6 H11 N O3'
#
# COMPACT_ATOMS: atom_id res chain seq x y z
N ASN A 35 0.15 -37.56 22.92
CA ASN A 35 0.11 -38.50 21.81
C ASN A 35 -0.13 -37.80 20.48
N SER A 36 0.04 -38.56 19.39
CA SER A 36 -0.03 -37.99 18.05
C SER A 36 -0.91 -38.85 17.16
N TYR A 37 -1.58 -38.22 16.20
CA TYR A 37 -2.40 -38.96 15.24
C TYR A 37 -1.56 -39.93 14.43
N LYS A 38 -2.08 -41.14 14.26
CA LYS A 38 -1.43 -42.15 13.43
C LYS A 38 -1.46 -41.71 11.97
N MET A 39 -0.29 -41.36 11.43
CA MET A 39 -0.22 -40.81 10.08
C MET A 39 0.55 -41.71 9.12
N ASP A 40 0.70 -42.98 9.47
CA ASP A 40 1.43 -43.91 8.61
C ASP A 40 0.53 -45.00 8.03
N TYR A 41 -0.72 -44.63 7.74
CA TYR A 41 -1.58 -45.47 6.92
C TYR A 41 -1.00 -45.51 5.50
N PRO A 42 -1.43 -46.49 4.68
CA PRO A 42 -0.96 -46.57 3.29
C PRO A 42 -1.07 -45.23 2.54
N GLU A 43 -2.20 -44.56 2.69
CA GLU A 43 -2.37 -43.24 2.09
C GLU A 43 -2.50 -42.17 3.17
N MET A 44 -2.15 -40.93 2.82
CA MET A 44 -2.30 -39.81 3.71
C MET A 44 -3.76 -39.37 3.78
N GLY A 45 -4.48 -39.55 2.68
CA GLY A 45 -5.89 -39.20 2.61
C GLY A 45 -6.21 -38.34 1.40
N LEU A 46 -7.48 -37.95 1.30
CA LEU A 46 -7.92 -37.08 0.22
C LEU A 46 -7.65 -35.61 0.53
N CYS A 47 -7.48 -34.82 -0.53
CA CYS A 47 -7.45 -33.37 -0.40
C CYS A 47 -8.45 -32.78 -1.40
N ILE A 48 -9.61 -32.39 -0.90
CA ILE A 48 -10.65 -31.86 -1.76
C ILE A 48 -10.59 -30.34 -1.82
N ILE A 49 -10.24 -29.81 -2.98
CA ILE A 49 -10.17 -28.37 -3.17
C ILE A 49 -11.35 -27.92 -4.03
N ILE A 50 -12.24 -27.14 -3.43
CA ILE A 50 -13.38 -26.60 -4.16
C ILE A 50 -13.14 -25.14 -4.49
N ASN A 51 -12.91 -24.86 -5.77
CA ASN A 51 -12.52 -23.54 -6.21
C ASN A 51 -13.63 -22.82 -6.98
N ASN A 52 -14.36 -21.97 -6.29
CA ASN A 52 -15.44 -21.19 -6.90
C ASN A 52 -14.99 -19.79 -7.28
N LYS A 53 -14.96 -19.52 -8.59
CA LYS A 53 -14.47 -18.24 -9.08
C LYS A 53 -15.60 -17.41 -9.69
N ASN A 54 -16.50 -18.07 -10.42
CA ASN A 54 -17.57 -17.38 -11.12
C ASN A 54 -18.93 -17.79 -10.57
N PHE A 55 -19.78 -16.80 -10.32
CA PHE A 55 -21.07 -17.04 -9.67
C PHE A 55 -22.24 -16.58 -10.51
N HIS A 56 -23.39 -17.22 -10.30
CA HIS A 56 -24.60 -16.92 -11.06
C HIS A 56 -25.03 -15.48 -10.79
N LYS A 57 -25.63 -14.85 -11.80
CA LYS A 57 -25.97 -13.43 -11.70
C LYS A 57 -26.96 -13.12 -10.59
N SER A 58 -27.74 -14.13 -10.20
CA SER A 58 -28.73 -14.00 -9.15
C SER A 58 -28.12 -13.76 -7.78
N THR A 59 -26.86 -14.15 -7.62
CA THR A 59 -26.19 -14.01 -6.32
C THR A 59 -25.59 -12.63 -6.13
N GLY A 60 -25.32 -11.94 -7.23
CA GLY A 60 -24.74 -10.62 -7.16
C GLY A 60 -23.28 -10.66 -6.75
N MET A 61 -22.72 -11.86 -6.70
CA MET A 61 -21.34 -12.05 -6.27
C MET A 61 -20.37 -11.80 -7.41
N THR A 62 -19.27 -11.12 -7.12
CA THR A 62 -18.29 -10.78 -8.13
C THR A 62 -17.35 -11.96 -8.39
N SER A 63 -16.76 -11.99 -9.58
CA SER A 63 -15.78 -13.01 -9.90
C SER A 63 -14.57 -12.89 -8.95
N ARG A 64 -14.10 -14.02 -8.46
CA ARG A 64 -13.02 -14.02 -7.47
C ARG A 64 -11.65 -14.18 -8.11
N SER A 65 -11.20 -13.13 -8.81
CA SER A 65 -9.91 -13.15 -9.49
C SER A 65 -8.77 -13.42 -8.50
N GLY A 66 -7.90 -14.35 -8.85
CA GLY A 66 -6.75 -14.66 -8.01
C GLY A 66 -6.92 -15.98 -7.28
N THR A 67 -8.13 -16.53 -7.32
CA THR A 67 -8.43 -17.77 -6.61
C THR A 67 -7.82 -18.97 -7.32
N ASP A 68 -7.52 -18.82 -8.61
CA ASP A 68 -6.89 -19.88 -9.38
C ASP A 68 -5.45 -20.08 -8.93
N VAL A 69 -4.78 -18.98 -8.61
CA VAL A 69 -3.44 -19.02 -8.05
C VAL A 69 -3.43 -19.81 -6.74
N ASP A 70 -4.46 -19.56 -5.92
CA ASP A 70 -4.63 -20.28 -4.66
C ASP A 70 -4.82 -21.78 -4.89
N ALA A 71 -5.77 -22.11 -5.75
CA ALA A 71 -6.13 -23.51 -5.99
C ALA A 71 -4.96 -24.33 -6.53
N ALA A 72 -4.11 -23.69 -7.33
CA ALA A 72 -2.95 -24.36 -7.89
C ALA A 72 -1.85 -24.50 -6.85
N ASN A 73 -1.71 -23.49 -6.01
CA ASN A 73 -0.71 -23.51 -4.94
C ASN A 73 -1.05 -24.54 -3.89
N LEU A 74 -2.34 -24.63 -3.57
CA LEU A 74 -2.84 -25.67 -2.66
C LEU A 74 -2.60 -27.05 -3.25
N ARG A 75 -2.88 -27.20 -4.53
CA ARG A 75 -2.72 -28.48 -5.21
C ARG A 75 -1.29 -28.98 -5.10
N GLU A 76 -0.32 -28.09 -5.31
CA GLU A 76 1.09 -28.45 -5.21
C GLU A 76 1.53 -28.71 -3.78
N THR A 77 1.07 -27.86 -2.87
CA THR A 77 1.44 -27.98 -1.46
C THR A 77 1.01 -29.33 -0.88
N PHE A 78 -0.25 -29.69 -1.10
CA PHE A 78 -0.78 -30.93 -0.53
C PHE A 78 -0.41 -32.15 -1.36
N ARG A 79 -0.04 -31.93 -2.62
CA ARG A 79 0.54 -33.00 -3.43
C ARG A 79 1.88 -33.42 -2.83
N ASN A 80 2.64 -32.42 -2.41
CA ASN A 80 3.96 -32.63 -1.84
C ASN A 80 3.86 -33.23 -0.44
N LEU A 81 2.67 -33.11 0.16
CA LEU A 81 2.40 -33.73 1.45
C LEU A 81 1.85 -35.14 1.27
N LYS A 82 1.84 -35.58 0.00
CA LYS A 82 1.44 -36.93 -0.39
C LYS A 82 -0.06 -37.18 -0.20
N TYR A 83 -0.86 -36.13 -0.40
CA TYR A 83 -2.30 -36.27 -0.39
C TYR A 83 -2.85 -36.52 -1.80
N GLU A 84 -3.95 -37.25 -1.87
CA GLU A 84 -4.65 -37.44 -3.14
C GLU A 84 -5.51 -36.21 -3.40
N VAL A 85 -4.95 -35.25 -4.11
CA VAL A 85 -5.62 -33.98 -4.34
C VAL A 85 -6.67 -34.09 -5.45
N ARG A 86 -7.84 -33.55 -5.19
CA ARG A 86 -8.90 -33.48 -6.19
C ARG A 86 -9.43 -32.07 -6.31
N ASN A 87 -9.14 -31.42 -7.43
CA ASN A 87 -9.58 -30.06 -7.66
C ASN A 87 -10.95 -30.00 -8.33
N LYS A 88 -11.83 -29.19 -7.76
CA LYS A 88 -13.16 -28.97 -8.31
C LYS A 88 -13.33 -27.49 -8.58
N ASN A 89 -13.85 -27.16 -9.76
CA ASN A 89 -14.01 -25.76 -10.14
C ASN A 89 -15.45 -25.39 -10.39
N ASP A 90 -15.86 -24.27 -9.83
CA ASP A 90 -17.20 -23.71 -10.03
C ASP A 90 -18.31 -24.73 -9.81
N LEU A 91 -18.42 -25.22 -8.57
CA LEU A 91 -19.48 -26.16 -8.22
C LEU A 91 -20.70 -25.42 -7.72
N THR A 92 -21.88 -25.90 -8.10
CA THR A 92 -23.12 -25.34 -7.60
C THR A 92 -23.32 -25.79 -6.16
N ARG A 93 -24.27 -25.18 -5.47
CA ARG A 93 -24.58 -25.53 -4.10
C ARG A 93 -24.97 -27.00 -3.98
N GLU A 94 -25.70 -27.50 -4.98
CA GLU A 94 -26.12 -28.89 -5.00
C GLU A 94 -24.94 -29.83 -5.26
N GLU A 95 -24.03 -29.41 -6.14
CA GLU A 95 -22.87 -30.22 -6.48
C GLU A 95 -21.91 -30.35 -5.32
N ILE A 96 -21.75 -29.29 -4.54
CA ILE A 96 -20.89 -29.32 -3.36
C ILE A 96 -21.40 -30.34 -2.36
N VAL A 97 -22.69 -30.25 -2.04
CA VAL A 97 -23.33 -31.19 -1.11
C VAL A 97 -23.17 -32.63 -1.60
N GLU A 98 -23.50 -32.87 -2.86
CA GLU A 98 -23.45 -34.22 -3.43
C GLU A 98 -22.01 -34.73 -3.49
N LEU A 99 -21.05 -33.83 -3.69
CA LEU A 99 -19.64 -34.20 -3.72
C LEU A 99 -19.19 -34.64 -2.33
N MET A 100 -19.43 -33.79 -1.35
CA MET A 100 -19.06 -34.06 0.03
C MET A 100 -19.74 -35.32 0.54
N ARG A 101 -20.96 -35.56 0.08
CA ARG A 101 -21.68 -36.77 0.45
C ARG A 101 -20.98 -37.99 -0.15
N ASP A 102 -20.64 -37.90 -1.43
CA ASP A 102 -19.97 -39.00 -2.13
C ASP A 102 -18.60 -39.31 -1.53
N VAL A 103 -17.89 -38.26 -1.15
CA VAL A 103 -16.57 -38.41 -0.54
C VAL A 103 -16.68 -39.05 0.85
N SER A 104 -17.71 -38.66 1.59
CA SER A 104 -17.92 -39.18 2.93
C SER A 104 -18.32 -40.66 2.89
N LYS A 105 -18.89 -41.09 1.78
CA LYS A 105 -19.29 -42.48 1.62
C LYS A 105 -18.21 -43.31 0.92
N GLU A 106 -17.05 -42.71 0.71
CA GLU A 106 -15.90 -43.47 0.24
C GLU A 106 -15.32 -44.29 1.39
N ASP A 107 -14.38 -45.17 1.07
CA ASP A 107 -13.76 -46.01 2.10
C ASP A 107 -12.39 -45.45 2.48
N HIS A 108 -12.34 -44.74 3.61
CA HIS A 108 -11.12 -44.09 4.05
C HIS A 108 -10.30 -44.98 4.98
N SER A 109 -10.55 -46.28 4.94
CA SER A 109 -9.93 -47.21 5.88
C SER A 109 -8.39 -47.20 5.87
N LYS A 110 -7.79 -47.04 4.69
CA LYS A 110 -6.33 -47.00 4.62
C LYS A 110 -5.80 -45.57 4.40
N ARG A 111 -6.60 -44.58 4.77
CA ARG A 111 -6.20 -43.18 4.70
C ARG A 111 -5.99 -42.62 6.10
N SER A 112 -4.95 -41.81 6.27
CA SER A 112 -4.61 -41.26 7.58
C SER A 112 -5.53 -40.11 7.99
N SER A 113 -5.94 -39.30 7.03
CA SER A 113 -6.70 -38.09 7.33
C SER A 113 -7.60 -37.67 6.18
N PHE A 114 -8.26 -36.52 6.34
CA PHE A 114 -9.07 -35.96 5.28
C PHE A 114 -8.95 -34.44 5.28
N VAL A 115 -8.71 -33.87 4.11
CA VAL A 115 -8.59 -32.43 3.96
C VAL A 115 -9.59 -31.89 2.95
N CYS A 116 -10.36 -30.89 3.38
CA CYS A 116 -11.25 -30.18 2.47
C CYS A 116 -10.94 -28.69 2.49
N VAL A 117 -10.71 -28.13 1.31
CA VAL A 117 -10.42 -26.70 1.20
C VAL A 117 -11.53 -26.00 0.44
N LEU A 118 -12.08 -24.95 1.04
CA LEU A 118 -13.17 -24.20 0.42
C LEU A 118 -12.74 -22.81 0.03
N LEU A 119 -12.78 -22.53 -1.26
CA LEU A 119 -12.40 -21.22 -1.79
C LEU A 119 -13.59 -20.58 -2.50
N SER A 120 -14.27 -19.69 -1.80
CA SER A 120 -15.45 -19.02 -2.35
C SER A 120 -15.87 -17.82 -1.51
N HIS A 121 -17.01 -17.24 -1.86
CA HIS A 121 -17.62 -16.19 -1.05
C HIS A 121 -18.28 -16.84 0.16
N GLY A 122 -18.45 -16.07 1.23
CA GLY A 122 -19.06 -16.62 2.42
C GLY A 122 -19.74 -15.66 3.38
N GLU A 123 -20.34 -16.24 4.40
CA GLU A 123 -20.92 -15.52 5.52
C GLU A 123 -20.59 -16.34 6.75
N GLU A 124 -21.02 -15.89 7.93
CA GLU A 124 -20.80 -16.66 9.14
C GLU A 124 -21.49 -18.02 9.04
N GLY A 125 -20.70 -19.08 8.99
CA GLY A 125 -21.24 -20.43 8.89
C GLY A 125 -21.73 -20.79 7.51
N ILE A 126 -21.46 -19.92 6.53
CA ILE A 126 -21.98 -20.10 5.18
C ILE A 126 -20.88 -20.08 4.12
N ILE A 127 -20.93 -21.05 3.21
CA ILE A 127 -20.07 -21.04 2.03
C ILE A 127 -20.95 -20.94 0.79
N PHE A 128 -20.44 -20.27 -0.25
CA PHE A 128 -21.23 -20.07 -1.45
C PHE A 128 -20.85 -21.01 -2.58
N GLY A 129 -21.87 -21.71 -3.09
CA GLY A 129 -21.75 -22.41 -4.35
C GLY A 129 -21.98 -21.35 -5.41
N THR A 130 -21.68 -21.67 -6.66
CA THR A 130 -21.80 -20.70 -7.75
C THR A 130 -23.21 -20.14 -7.89
N ASN A 131 -24.18 -20.86 -7.36
CA ASN A 131 -25.59 -20.50 -7.51
C ASN A 131 -26.29 -20.13 -6.20
N GLY A 132 -25.56 -20.16 -5.10
CA GLY A 132 -26.15 -19.86 -3.81
C GLY A 132 -25.38 -20.37 -2.61
N PRO A 133 -25.87 -20.05 -1.40
CA PRO A 133 -25.20 -20.37 -0.13
C PRO A 133 -25.37 -21.82 0.31
N VAL A 134 -24.36 -22.33 1.01
CA VAL A 134 -24.42 -23.66 1.62
C VAL A 134 -24.00 -23.57 3.08
N ASP A 135 -24.78 -24.18 3.95
CA ASP A 135 -24.43 -24.27 5.36
C ASP A 135 -23.14 -25.08 5.52
N LEU A 136 -22.15 -24.50 6.20
CA LEU A 136 -20.91 -25.21 6.48
C LEU A 136 -21.18 -26.45 7.31
N LYS A 137 -22.16 -26.34 8.20
CA LYS A 137 -22.55 -27.44 9.07
C LYS A 137 -23.00 -28.64 8.25
N LYS A 138 -23.79 -28.37 7.21
CA LYS A 138 -24.30 -29.43 6.34
C LYS A 138 -23.17 -30.18 5.64
N ILE A 139 -22.14 -29.44 5.22
CA ILE A 139 -20.97 -30.04 4.59
C ILE A 139 -20.17 -30.89 5.56
N THR A 140 -19.88 -30.34 6.73
CA THR A 140 -19.04 -31.00 7.72
C THR A 140 -19.74 -32.18 8.40
N ASN A 141 -21.06 -32.12 8.51
CA ASN A 141 -21.81 -33.18 9.19
C ASN A 141 -21.69 -34.54 8.53
N PHE A 142 -21.37 -34.54 7.23
CA PHE A 142 -21.16 -35.79 6.51
C PHE A 142 -20.00 -36.60 7.08
N PHE A 143 -19.06 -35.90 7.70
CA PHE A 143 -17.82 -36.53 8.15
C PHE A 143 -17.76 -36.69 9.67
N ARG A 144 -18.90 -36.49 10.34
CA ARG A 144 -18.96 -36.71 11.77
C ARG A 144 -18.64 -38.17 12.09
N GLY A 145 -18.09 -38.39 13.28
CA GLY A 145 -17.64 -39.70 13.72
C GLY A 145 -18.64 -40.82 13.54
N ASP A 146 -19.93 -40.50 13.61
CA ASP A 146 -20.97 -41.51 13.52
C ASP A 146 -21.52 -41.67 12.10
N ARG A 147 -21.20 -40.73 11.21
CA ARG A 147 -21.68 -40.79 9.83
C ARG A 147 -20.59 -41.22 8.86
N CYS A 148 -19.33 -41.02 9.24
CA CYS A 148 -18.23 -41.47 8.40
C CYS A 148 -17.26 -42.34 9.20
N ARG A 149 -17.62 -43.60 9.40
CA ARG A 149 -16.85 -44.51 10.25
C ARG A 149 -15.39 -44.69 9.87
N SER A 150 -15.09 -44.61 8.59
CA SER A 150 -13.73 -44.86 8.12
C SER A 150 -12.81 -43.67 8.37
N LEU A 151 -13.36 -42.61 8.93
CA LEU A 151 -12.58 -41.43 9.29
C LEU A 151 -12.62 -41.17 10.80
N THR A 152 -13.37 -42.01 11.51
CA THR A 152 -13.47 -41.92 12.96
C THR A 152 -12.09 -42.06 13.62
N GLY A 153 -11.73 -41.08 14.44
CA GLY A 153 -10.46 -41.11 15.13
C GLY A 153 -9.34 -40.52 14.30
N LYS A 154 -9.68 -40.08 13.08
CA LYS A 154 -8.70 -39.46 12.19
C LYS A 154 -9.00 -37.97 12.05
N PRO A 155 -7.94 -37.15 11.88
CA PRO A 155 -8.11 -35.70 11.78
C PRO A 155 -8.84 -35.29 10.50
N LYS A 156 -9.91 -34.51 10.67
CA LYS A 156 -10.68 -34.01 9.54
C LYS A 156 -10.51 -32.51 9.43
N LEU A 157 -9.70 -32.07 8.48
CA LEU A 157 -9.32 -30.66 8.38
C LEU A 157 -10.13 -29.93 7.31
N PHE A 158 -10.76 -28.84 7.71
CA PHE A 158 -11.51 -28.00 6.79
C PHE A 158 -10.90 -26.61 6.70
N ILE A 159 -10.34 -26.30 5.54
CA ILE A 159 -9.70 -25.00 5.32
C ILE A 159 -10.62 -24.10 4.53
N ILE A 160 -11.08 -23.02 5.15
CA ILE A 160 -12.08 -22.16 4.54
C ILE A 160 -11.55 -20.77 4.23
N GLN A 161 -11.55 -20.42 2.95
CA GLN A 161 -11.21 -19.06 2.53
C GLN A 161 -12.48 -18.39 2.05
N ALA A 162 -13.12 -17.66 2.96
CA ALA A 162 -14.36 -16.97 2.68
C ALA A 162 -14.64 -15.96 3.77
N CYS A 163 -15.52 -15.00 3.49
CA CYS A 163 -15.91 -14.02 4.49
C CYS A 163 -16.74 -14.71 5.58
N ARG A 164 -16.78 -14.09 6.75
CA ARG A 164 -17.57 -14.61 7.85
C ARG A 164 -18.47 -13.51 8.38
N GLY A 165 -18.69 -12.49 7.54
CA GLY A 165 -19.44 -11.32 7.92
C GLY A 165 -18.90 -10.09 7.22
N THR A 166 -19.30 -8.92 7.70
CA THR A 166 -18.95 -7.66 7.04
C THR A 166 -18.26 -6.69 7.99
N GLU A 167 -17.52 -7.22 8.96
CA GLU A 167 -16.81 -6.38 9.91
C GLU A 167 -15.38 -6.15 9.39
N LEU A 168 -14.83 -4.97 9.67
CA LEU A 168 -13.49 -4.62 9.20
C LEU A 168 -12.51 -4.42 10.35
N ASP A 169 -11.34 -5.02 10.25
CA ASP A 169 -10.28 -4.84 11.24
C ASP A 169 -9.39 -3.68 10.84
N CYS A 170 -9.48 -2.59 11.61
CA CYS A 170 -8.74 -1.37 11.28
C CYS A 170 -7.31 -1.42 11.80
N GLY A 171 -7.02 -2.41 12.63
CA GLY A 171 -5.68 -2.67 13.13
C GLY A 171 -5.16 -1.70 14.18
N ILE A 172 -3.98 -1.98 14.69
CA ILE A 172 -3.33 -1.14 15.68
C ILE A 172 -1.80 -1.28 15.60
N GLU A 173 -1.08 -0.18 15.75
CA GLU A 173 0.38 -0.21 15.69
C GLU A 173 0.99 -0.34 17.08
N HIS B 10 -17.14 -47.26 25.63
CA HIS B 10 -16.01 -46.40 25.29
C HIS B 10 -16.29 -45.62 24.01
N LYS B 11 -16.69 -44.36 24.20
CA LYS B 11 -17.16 -43.53 23.10
C LYS B 11 -16.33 -42.26 22.95
N ILE B 12 -16.40 -41.65 21.78
CA ILE B 12 -15.83 -40.33 21.56
C ILE B 12 -16.91 -39.46 20.94
N PRO B 13 -16.83 -38.14 21.15
CA PRO B 13 -17.82 -37.23 20.56
C PRO B 13 -17.81 -37.28 19.04
N VAL B 14 -18.99 -37.14 18.43
CA VAL B 14 -19.12 -37.16 16.98
C VAL B 14 -18.55 -35.89 16.36
N GLU B 15 -18.29 -34.90 17.19
CA GLU B 15 -17.75 -33.63 16.73
C GLU B 15 -16.25 -33.55 16.93
N ALA B 16 -15.67 -34.62 17.46
CA ALA B 16 -14.24 -34.67 17.74
C ALA B 16 -13.43 -34.90 16.47
N ASP B 17 -12.14 -34.55 16.54
CA ASP B 17 -11.18 -34.78 15.48
C ASP B 17 -11.46 -33.92 14.24
N PHE B 18 -12.15 -32.81 14.44
CA PHE B 18 -12.32 -31.80 13.40
C PHE B 18 -11.40 -30.62 13.64
N LEU B 19 -10.85 -30.05 12.57
CA LEU B 19 -10.14 -28.79 12.66
C LEU B 19 -10.66 -27.86 11.57
N TYR B 20 -11.07 -26.67 11.98
CA TYR B 20 -11.55 -25.67 11.03
C TYR B 20 -10.57 -24.50 10.97
N ALA B 21 -9.83 -24.41 9.88
CA ALA B 21 -8.89 -23.32 9.66
C ALA B 21 -9.56 -22.20 8.89
N TYR B 22 -10.06 -21.20 9.60
CA TYR B 22 -10.73 -20.08 8.97
C TYR B 22 -9.72 -19.01 8.55
N SER B 23 -9.98 -18.37 7.42
CA SER B 23 -9.10 -17.34 6.89
C SER B 23 -9.19 -16.07 7.72
N THR B 24 -10.29 -15.92 8.44
CA THR B 24 -10.56 -14.68 9.18
C THR B 24 -11.35 -14.94 10.46
N ALA B 25 -11.36 -13.95 11.34
CA ALA B 25 -12.06 -14.04 12.61
C ALA B 25 -13.57 -14.05 12.39
N PRO B 26 -14.33 -14.57 13.37
CA PRO B 26 -15.79 -14.58 13.25
C PRO B 26 -16.39 -13.19 13.03
N GLY B 27 -17.23 -13.06 12.01
CA GLY B 27 -17.89 -11.79 11.73
C GLY B 27 -17.14 -10.87 10.79
N TYR B 28 -15.91 -11.23 10.44
CA TYR B 28 -15.04 -10.33 9.68
C TYR B 28 -14.91 -10.68 8.21
N TYR B 29 -14.57 -9.67 7.40
CA TYR B 29 -14.23 -9.87 6.00
C TYR B 29 -12.98 -10.72 5.85
N SER B 30 -12.85 -11.36 4.70
CA SER B 30 -11.62 -12.06 4.35
C SER B 30 -11.04 -11.41 3.10
N TRP B 31 -9.73 -11.25 3.06
CA TRP B 31 -9.10 -10.48 1.99
C TRP B 31 -8.37 -11.33 0.97
N ARG B 32 -8.42 -10.89 -0.27
CA ARG B 32 -7.81 -11.59 -1.39
C ARG B 32 -7.17 -10.61 -2.37
N ASN B 33 -5.95 -10.91 -2.77
CA ASN B 33 -5.29 -10.09 -3.79
C ASN B 33 -5.55 -10.73 -5.15
N SER B 34 -6.10 -9.95 -6.08
CA SER B 34 -6.54 -10.46 -7.37
C SER B 34 -5.42 -11.10 -8.21
N LYS B 35 -4.16 -10.73 -7.96
CA LYS B 35 -3.04 -11.33 -8.70
C LYS B 35 -2.21 -12.28 -7.84
N ASP B 36 -2.01 -11.97 -6.57
CA ASP B 36 -1.20 -12.82 -5.70
C ASP B 36 -2.02 -13.96 -5.10
N GLY B 37 -3.33 -13.76 -5.03
CA GLY B 37 -4.21 -14.72 -4.37
C GLY B 37 -4.59 -14.24 -3.00
N SER B 38 -5.36 -15.04 -2.27
CA SER B 38 -5.82 -14.63 -0.95
C SER B 38 -4.67 -14.65 0.05
N TRP B 39 -4.73 -13.76 1.03
CA TRP B 39 -3.69 -13.61 2.04
C TRP B 39 -3.47 -14.90 2.81
N PHE B 40 -4.57 -15.52 3.22
CA PHE B 40 -4.56 -16.71 4.05
C PHE B 40 -3.95 -17.92 3.33
N ILE B 41 -4.43 -18.20 2.13
CA ILE B 41 -3.97 -19.36 1.37
C ILE B 41 -2.51 -19.19 0.95
N GLN B 42 -2.13 -17.98 0.58
CA GLN B 42 -0.73 -17.64 0.34
C GLN B 42 0.14 -18.08 1.51
N SER B 43 -0.22 -17.58 2.69
CA SER B 43 0.54 -17.82 3.91
C SER B 43 0.51 -19.29 4.34
N LEU B 44 -0.66 -19.91 4.21
CA LEU B 44 -0.81 -21.31 4.59
C LEU B 44 0.11 -22.22 3.78
N CYS B 45 0.13 -22.02 2.46
CA CYS B 45 0.96 -22.82 1.59
C CYS B 45 2.44 -22.56 1.85
N ALA B 46 2.77 -21.29 2.06
CA ALA B 46 4.15 -20.89 2.38
C ALA B 46 4.64 -21.56 3.65
N MET B 47 3.86 -21.47 4.71
CA MET B 47 4.25 -22.04 6.00
C MET B 47 4.25 -23.57 5.98
N LEU B 48 3.31 -24.16 5.24
CA LEU B 48 3.27 -25.61 5.07
C LEU B 48 4.51 -26.08 4.33
N LYS B 49 4.83 -25.41 3.23
CA LYS B 49 6.00 -25.73 2.43
C LYS B 49 7.27 -25.65 3.27
N GLN B 50 7.31 -24.68 4.17
CA GLN B 50 8.48 -24.41 4.98
C GLN B 50 8.61 -25.29 6.23
N TYR B 51 7.48 -25.62 6.86
CA TYR B 51 7.51 -26.20 8.20
C TYR B 51 6.83 -27.56 8.38
N ALA B 52 6.22 -28.09 7.33
CA ALA B 52 5.46 -29.34 7.45
C ALA B 52 6.31 -30.52 7.92
N ASP B 53 7.62 -30.41 7.78
CA ASP B 53 8.51 -31.48 8.21
C ASP B 53 9.28 -31.11 9.47
N LYS B 54 8.87 -30.03 10.12
CA LYS B 54 9.53 -29.57 11.34
C LYS B 54 8.55 -29.28 12.48
N LEU B 55 7.35 -28.83 12.13
CA LEU B 55 6.40 -28.37 13.14
C LEU B 55 5.10 -29.17 13.17
N GLU B 56 4.45 -29.15 14.33
CA GLU B 56 3.11 -29.70 14.47
C GLU B 56 2.14 -28.73 13.80
N PHE B 57 1.01 -29.25 13.31
CA PHE B 57 0.11 -28.47 12.47
C PHE B 57 -0.42 -27.19 13.11
N MET B 58 -0.65 -27.22 14.43
CA MET B 58 -1.17 -26.04 15.11
C MET B 58 -0.13 -24.94 15.17
N HIS B 59 1.13 -25.33 15.30
CA HIS B 59 2.23 -24.38 15.33
C HIS B 59 2.48 -23.79 13.94
N ILE B 60 2.25 -24.60 12.91
CA ILE B 60 2.31 -24.12 11.53
C ILE B 60 1.23 -23.07 11.31
N LEU B 61 0.01 -23.37 11.74
CA LEU B 61 -1.12 -22.46 11.59
C LEU B 61 -0.93 -21.20 12.43
N THR B 62 -0.23 -21.33 13.55
CA THR B 62 0.08 -20.17 14.39
C THR B 62 1.01 -19.22 13.64
N ARG B 63 1.98 -19.78 12.94
CA ARG B 63 2.88 -18.99 12.10
C ARG B 63 2.14 -18.40 10.90
N VAL B 64 1.11 -19.12 10.43
CA VAL B 64 0.25 -18.60 9.38
C VAL B 64 -0.48 -17.36 9.88
N ASN B 65 -0.93 -17.40 11.13
CA ASN B 65 -1.60 -16.28 11.76
C ASN B 65 -0.72 -15.03 11.82
N ARG B 66 0.53 -15.22 12.20
CA ARG B 66 1.46 -14.11 12.36
C ARG B 66 1.86 -13.52 11.02
N LYS B 67 1.89 -14.37 9.99
CA LYS B 67 2.21 -13.92 8.65
C LYS B 67 1.12 -13.02 8.09
N VAL B 68 -0.13 -13.49 8.18
CA VAL B 68 -1.28 -12.73 7.72
C VAL B 68 -1.44 -11.43 8.50
N ALA B 69 -1.14 -11.49 9.80
CA ALA B 69 -1.35 -10.35 10.68
C ALA B 69 -0.32 -9.24 10.49
N THR B 70 0.91 -9.61 10.17
CA THR B 70 2.01 -8.65 10.13
C THR B 70 2.41 -8.21 8.72
N GLU B 71 2.21 -9.09 7.73
CA GLU B 71 2.75 -8.83 6.39
C GLU B 71 1.71 -8.33 5.40
N PHE B 72 0.44 -8.31 5.82
CA PHE B 72 -0.62 -7.86 4.92
C PHE B 72 -1.41 -6.67 5.45
N GLU B 73 -1.70 -5.74 4.55
CA GLU B 73 -2.58 -4.61 4.83
C GLU B 73 -3.32 -4.28 3.54
N SER B 74 -4.62 -4.04 3.64
CA SER B 74 -5.45 -3.91 2.45
C SER B 74 -5.18 -2.62 1.68
N PHE B 75 -5.24 -2.73 0.35
CA PHE B 75 -5.18 -1.56 -0.51
C PHE B 75 -6.46 -1.52 -1.33
N SER B 76 -7.20 -0.42 -1.22
CA SER B 76 -8.46 -0.29 -1.93
C SER B 76 -8.71 1.15 -2.37
N PHE B 77 -9.31 1.31 -3.54
CA PHE B 77 -9.70 2.62 -4.02
C PHE B 77 -10.87 3.12 -3.19
N ASP B 78 -11.65 2.18 -2.67
CA ASP B 78 -12.73 2.48 -1.74
C ASP B 78 -12.13 2.74 -0.35
N ALA B 79 -12.25 3.97 0.11
CA ALA B 79 -11.64 4.39 1.37
C ALA B 79 -12.17 3.61 2.58
N THR B 80 -13.40 3.13 2.46
CA THR B 80 -14.03 2.34 3.52
C THR B 80 -13.28 1.02 3.74
N PHE B 81 -12.65 0.53 2.67
CA PHE B 81 -12.00 -0.78 2.72
C PHE B 81 -10.47 -0.70 2.68
N HIS B 82 -9.93 0.50 2.86
CA HIS B 82 -8.49 0.68 2.72
C HIS B 82 -7.76 0.61 4.06
N ALA B 83 -6.55 0.04 4.02
CA ALA B 83 -5.66 -0.04 5.19
C ALA B 83 -6.27 -0.90 6.29
N LYS B 84 -6.92 -1.99 5.90
CA LYS B 84 -7.54 -2.90 6.85
C LYS B 84 -6.68 -4.14 7.09
N LYS B 85 -6.91 -4.78 8.22
CA LYS B 85 -6.10 -5.93 8.62
C LYS B 85 -6.96 -7.19 8.70
N GLN B 86 -6.29 -8.32 8.93
CA GLN B 86 -6.98 -9.60 8.99
C GLN B 86 -6.23 -10.58 9.89
N ILE B 87 -6.96 -11.24 10.77
CA ILE B 87 -6.39 -12.31 11.58
C ILE B 87 -7.15 -13.60 11.30
N PRO B 88 -6.42 -14.66 10.96
CA PRO B 88 -7.08 -15.95 10.74
C PRO B 88 -7.59 -16.55 12.04
N CYS B 89 -8.37 -17.61 11.95
CA CYS B 89 -9.03 -18.16 13.13
C CYS B 89 -8.94 -19.68 13.15
N ILE B 90 -8.08 -20.20 14.02
CA ILE B 90 -7.91 -21.64 14.15
C ILE B 90 -8.93 -22.22 15.13
N VAL B 91 -9.77 -23.12 14.64
CA VAL B 91 -10.77 -23.76 15.48
C VAL B 91 -10.53 -25.26 15.53
N SER B 92 -9.99 -25.74 16.65
CA SER B 92 -9.55 -27.12 16.77
C SER B 92 -10.40 -27.96 17.71
N MET B 93 -11.00 -29.02 17.16
CA MET B 93 -11.63 -30.05 17.98
C MET B 93 -10.83 -31.33 17.88
N LEU B 94 -9.53 -31.18 17.64
CA LEU B 94 -8.63 -32.33 17.53
C LEU B 94 -8.28 -32.85 18.91
N THR B 95 -7.96 -34.14 18.99
CA THR B 95 -7.66 -34.77 20.26
C THR B 95 -6.21 -35.21 20.33
N LYS B 96 -5.49 -35.09 19.21
CA LYS B 96 -4.08 -35.43 19.17
C LYS B 96 -3.29 -34.40 18.39
N GLU B 97 -1.96 -34.49 18.45
CA GLU B 97 -1.09 -33.63 17.66
C GLU B 97 -1.01 -34.16 16.24
N LEU B 98 -0.85 -33.25 15.28
CA LEU B 98 -0.83 -33.64 13.88
C LEU B 98 0.50 -33.29 13.21
N TYR B 99 1.18 -34.31 12.70
CA TYR B 99 2.42 -34.14 11.96
C TYR B 99 2.28 -34.74 10.57
N PHE B 100 2.88 -34.09 9.57
CA PHE B 100 2.79 -34.56 8.19
C PHE B 100 3.97 -35.43 7.82
N TYR B 101 4.57 -36.08 8.81
CA TYR B 101 5.69 -36.98 8.57
C TYR B 101 5.78 -38.06 9.64
N ASN C 35 8.39 -18.45 16.56
CA ASN C 35 8.78 -17.75 17.77
C ASN C 35 7.67 -17.74 18.81
N SER C 36 7.99 -17.24 20.01
CA SER C 36 7.10 -17.36 21.16
C SER C 36 6.87 -16.03 21.87
N TYR C 37 5.71 -15.91 22.50
CA TYR C 37 5.36 -14.72 23.26
C TYR C 37 6.35 -14.47 24.40
N LYS C 38 6.73 -13.22 24.57
CA LYS C 38 7.61 -12.83 25.66
C LYS C 38 6.92 -13.03 27.01
N MET C 39 7.41 -14.01 27.78
CA MET C 39 6.76 -14.38 29.03
C MET C 39 7.62 -14.08 30.24
N ASP C 40 8.63 -13.23 30.08
CA ASP C 40 9.51 -12.89 31.19
C ASP C 40 9.36 -11.42 31.58
N TYR C 41 8.16 -10.88 31.46
CA TYR C 41 7.82 -9.60 32.07
C TYR C 41 7.87 -9.79 33.59
N PRO C 42 7.95 -8.68 34.35
CA PRO C 42 7.94 -8.77 35.82
C PRO C 42 6.81 -9.65 36.37
N GLU C 43 5.60 -9.49 35.85
CA GLU C 43 4.48 -10.32 36.26
C GLU C 43 3.99 -11.19 35.11
N MET C 44 3.36 -12.31 35.44
CA MET C 44 2.74 -13.18 34.44
C MET C 44 1.44 -12.56 33.95
N GLY C 45 0.75 -11.86 34.84
CA GLY C 45 -0.50 -11.22 34.48
C GLY C 45 -1.62 -11.54 35.46
N LEU C 46 -2.81 -11.02 35.18
CA LEU C 46 -3.98 -11.30 36.00
C LEU C 46 -4.63 -12.62 35.61
N CYS C 47 -5.30 -13.23 36.56
CA CYS C 47 -6.19 -14.35 36.28
C CYS C 47 -7.54 -14.05 36.91
N ILE C 48 -8.48 -13.59 36.10
CA ILE C 48 -9.79 -13.21 36.60
C ILE C 48 -10.76 -14.38 36.50
N ILE C 49 -11.17 -14.91 37.64
CA ILE C 49 -12.12 -16.00 37.67
C ILE C 49 -13.48 -15.51 38.12
N ILE C 50 -14.45 -15.57 37.22
CA ILE C 50 -15.81 -15.17 37.54
C ILE C 50 -16.65 -16.41 37.75
N ASN C 51 -17.00 -16.67 39.01
CA ASN C 51 -17.69 -17.90 39.37
C ASN C 51 -19.15 -17.65 39.74
N ASN C 52 -20.04 -17.86 38.78
CA ASN C 52 -21.46 -17.68 39.02
C ASN C 52 -22.14 -19.00 39.35
N LYS C 53 -22.61 -19.13 40.58
CA LYS C 53 -23.20 -20.37 41.06
C LYS C 53 -24.70 -20.18 41.31
N ASN C 54 -25.05 -19.02 41.84
CA ASN C 54 -26.43 -18.74 42.22
C ASN C 54 -27.03 -17.61 41.38
N PHE C 55 -28.24 -17.82 40.89
CA PHE C 55 -28.87 -16.88 39.99
C PHE C 55 -30.20 -16.42 40.58
N HIS C 56 -30.61 -15.20 40.23
CA HIS C 56 -31.84 -14.64 40.76
C HIS C 56 -33.03 -15.48 40.27
N LYS C 57 -34.04 -15.60 41.13
CA LYS C 57 -35.19 -16.44 40.82
C LYS C 57 -35.96 -15.93 39.61
N SER C 58 -35.78 -14.65 39.27
CA SER C 58 -36.44 -14.08 38.11
C SER C 58 -35.93 -14.70 36.81
N THR C 59 -34.73 -15.26 36.85
CA THR C 59 -34.13 -15.87 35.67
C THR C 59 -34.58 -17.32 35.52
N GLY C 60 -34.97 -17.91 36.63
CA GLY C 60 -35.41 -19.30 36.66
C GLY C 60 -34.27 -20.29 36.48
N MET C 61 -33.04 -19.78 36.50
CA MET C 61 -31.86 -20.62 36.29
C MET C 61 -31.41 -21.29 37.58
N THR C 62 -31.02 -22.55 37.47
CA THR C 62 -30.65 -23.36 38.62
C THR C 62 -29.21 -23.17 39.10
N SER C 63 -28.99 -23.52 40.36
CA SER C 63 -27.66 -23.49 40.95
C SER C 63 -26.69 -24.44 40.24
N ARG C 64 -25.48 -23.95 40.01
CA ARG C 64 -24.47 -24.73 39.29
C ARG C 64 -23.56 -25.47 40.27
N SER C 65 -24.10 -26.50 40.92
CA SER C 65 -23.35 -27.27 41.90
C SER C 65 -22.08 -27.87 41.31
N GLY C 66 -20.97 -27.68 42.02
CA GLY C 66 -19.69 -28.21 41.58
C GLY C 66 -18.78 -27.13 41.03
N THR C 67 -19.34 -25.95 40.81
CA THR C 67 -18.58 -24.85 40.22
C THR C 67 -17.57 -24.27 41.21
N ASP C 68 -17.82 -24.45 42.49
CA ASP C 68 -16.89 -24.00 43.52
C ASP C 68 -15.63 -24.84 43.48
N VAL C 69 -15.80 -26.12 43.21
CA VAL C 69 -14.67 -27.03 43.00
C VAL C 69 -13.80 -26.54 41.85
N ASP C 70 -14.44 -26.11 40.76
CA ASP C 70 -13.74 -25.57 39.62
C ASP C 70 -12.95 -24.31 39.97
N ALA C 71 -13.64 -23.33 40.55
CA ALA C 71 -13.05 -22.03 40.85
C ALA C 71 -11.86 -22.16 41.79
N ALA C 72 -11.92 -23.11 42.71
CA ALA C 72 -10.84 -23.33 43.67
C ALA C 72 -9.65 -24.02 43.01
N ASN C 73 -9.94 -24.96 42.11
CA ASN C 73 -8.88 -25.68 41.40
C ASN C 73 -8.16 -24.77 40.42
N LEU C 74 -8.91 -23.90 39.75
CA LEU C 74 -8.35 -22.89 38.86
C LEU C 74 -7.44 -21.94 39.63
N ARG C 75 -7.92 -21.53 40.80
CA ARG C 75 -7.18 -20.60 41.67
C ARG C 75 -5.83 -21.18 42.04
N GLU C 76 -5.81 -22.46 42.37
CA GLU C 76 -4.58 -23.14 42.77
C GLU C 76 -3.64 -23.34 41.59
N THR C 77 -4.21 -23.73 40.45
CA THR C 77 -3.43 -24.00 39.24
C THR C 77 -2.68 -22.75 38.76
N PHE C 78 -3.39 -21.63 38.67
CA PHE C 78 -2.82 -20.40 38.16
C PHE C 78 -1.99 -19.68 39.21
N ARG C 79 -2.19 -20.00 40.48
CA ARG C 79 -1.33 -19.50 41.53
C ARG C 79 0.06 -20.10 41.32
N ASN C 80 0.09 -21.38 40.96
CA ASN C 80 1.35 -22.07 40.72
C ASN C 80 2.00 -21.64 39.41
N LEU C 81 1.21 -21.05 38.52
CA LEU C 81 1.73 -20.51 37.27
C LEU C 81 2.15 -19.06 37.44
N LYS C 82 2.09 -18.60 38.69
CA LYS C 82 2.55 -17.27 39.09
C LYS C 82 1.65 -16.16 38.57
N TYR C 83 0.35 -16.43 38.47
CA TYR C 83 -0.61 -15.40 38.09
C TYR C 83 -1.21 -14.70 39.29
N GLU C 84 -1.54 -13.43 39.11
CA GLU C 84 -2.27 -12.66 40.10
C GLU C 84 -3.75 -12.99 39.98
N VAL C 85 -4.18 -14.01 40.71
CA VAL C 85 -5.55 -14.52 40.61
C VAL C 85 -6.54 -13.69 41.41
N ARG C 86 -7.69 -13.41 40.79
CA ARG C 86 -8.77 -12.71 41.47
C ARG C 86 -10.07 -13.50 41.29
N ASN C 87 -10.55 -14.08 42.38
CA ASN C 87 -11.79 -14.86 42.32
C ASN C 87 -13.00 -13.97 42.54
N LYS C 88 -13.96 -14.09 41.64
CA LYS C 88 -15.19 -13.31 41.77
C LYS C 88 -16.37 -14.26 41.82
N ASN C 89 -17.28 -14.02 42.77
CA ASN C 89 -18.42 -14.90 42.94
C ASN C 89 -19.76 -14.21 42.77
N ASP C 90 -20.64 -14.86 42.01
CA ASP C 90 -22.02 -14.41 41.81
C ASP C 90 -22.10 -12.95 41.38
N LEU C 91 -21.55 -12.63 40.22
CA LEU C 91 -21.62 -11.28 39.68
C LEU C 91 -22.84 -11.11 38.78
N THR C 92 -23.49 -9.95 38.88
CA THR C 92 -24.59 -9.64 37.98
C THR C 92 -24.04 -9.28 36.61
N ARG C 93 -24.91 -9.19 35.62
CA ARG C 93 -24.51 -8.82 34.27
C ARG C 93 -23.81 -7.46 34.27
N GLU C 94 -24.31 -6.54 35.07
CA GLU C 94 -23.73 -5.21 35.19
C GLU C 94 -22.39 -5.24 35.91
N GLU C 95 -22.28 -6.08 36.93
CA GLU C 95 -21.04 -6.20 37.70
C GLU C 95 -19.91 -6.78 36.86
N ILE C 96 -20.25 -7.74 36.00
CA ILE C 96 -19.26 -8.36 35.12
C ILE C 96 -18.68 -7.33 34.15
N VAL C 97 -19.55 -6.58 33.50
CA VAL C 97 -19.14 -5.55 32.54
C VAL C 97 -18.18 -4.52 33.14
N GLU C 98 -18.56 -3.96 34.29
CA GLU C 98 -17.73 -2.93 34.94
C GLU C 98 -16.42 -3.51 35.44
N LEU C 99 -16.44 -4.78 35.84
CA LEU C 99 -15.22 -5.43 36.30
C LEU C 99 -14.25 -5.56 35.15
N MET C 100 -14.72 -6.17 34.06
CA MET C 100 -13.90 -6.36 32.87
C MET C 100 -13.43 -5.02 32.30
N ARG C 101 -14.29 -4.00 32.39
CA ARG C 101 -13.91 -2.67 31.91
C ARG C 101 -12.80 -2.08 32.77
N ASP C 102 -12.96 -2.15 34.10
CA ASP C 102 -11.95 -1.63 35.02
C ASP C 102 -10.63 -2.38 34.88
N VAL C 103 -10.71 -3.68 34.66
CA VAL C 103 -9.53 -4.50 34.47
C VAL C 103 -8.82 -4.09 33.18
N SER C 104 -9.60 -3.77 32.16
CA SER C 104 -9.05 -3.36 30.87
C SER C 104 -8.36 -2.00 30.93
N LYS C 105 -8.76 -1.19 31.90
CA LYS C 105 -8.17 0.14 32.07
C LYS C 105 -7.05 0.14 33.11
N GLU C 106 -6.67 -1.05 33.57
CA GLU C 106 -5.50 -1.21 34.41
C GLU C 106 -4.24 -1.09 33.57
N ASP C 107 -3.09 -1.01 34.22
CA ASP C 107 -1.82 -0.92 33.51
C ASP C 107 -1.09 -2.26 33.49
N HIS C 108 -1.20 -2.97 32.37
CA HIS C 108 -0.62 -4.30 32.24
C HIS C 108 0.80 -4.24 31.68
N SER C 109 1.41 -3.06 31.77
CA SER C 109 2.70 -2.82 31.15
C SER C 109 3.81 -3.77 31.58
N LYS C 110 3.79 -4.20 32.83
CA LYS C 110 4.81 -5.12 33.31
C LYS C 110 4.26 -6.53 33.43
N ARG C 111 3.15 -6.79 32.73
CA ARG C 111 2.54 -8.12 32.74
C ARG C 111 2.71 -8.81 31.39
N SER C 112 2.98 -10.12 31.45
CA SER C 112 3.22 -10.90 30.24
C SER C 112 1.95 -11.23 29.49
N SER C 113 0.86 -11.46 30.23
CA SER C 113 -0.37 -11.92 29.61
C SER C 113 -1.61 -11.54 30.41
N PHE C 114 -2.75 -12.03 29.96
CA PHE C 114 -4.01 -11.85 30.66
C PHE C 114 -4.88 -13.09 30.54
N VAL C 115 -5.40 -13.56 31.68
CA VAL C 115 -6.26 -14.74 31.69
C VAL C 115 -7.60 -14.42 32.33
N CYS C 116 -8.68 -14.72 31.62
CA CYS C 116 -10.02 -14.60 32.18
C CYS C 116 -10.76 -15.92 32.09
N VAL C 117 -11.29 -16.37 33.22
CA VAL C 117 -12.05 -17.62 33.26
C VAL C 117 -13.51 -17.35 33.60
N LEU C 118 -14.41 -17.83 32.76
CA LEU C 118 -15.84 -17.61 32.98
C LEU C 118 -16.56 -18.92 33.30
N LEU C 119 -17.12 -18.99 34.50
CA LEU C 119 -17.85 -20.17 34.95
C LEU C 119 -19.29 -19.80 35.24
N SER C 120 -20.19 -20.11 34.29
CA SER C 120 -21.60 -19.77 34.45
C SER C 120 -22.47 -20.50 33.44
N HIS C 121 -23.75 -20.15 33.42
CA HIS C 121 -24.65 -20.62 32.38
C HIS C 121 -24.34 -19.85 31.11
N GLY C 122 -24.66 -20.42 29.96
CA GLY C 122 -24.40 -19.73 28.72
C GLY C 122 -25.25 -20.09 27.53
N GLU C 123 -25.01 -19.37 26.45
CA GLU C 123 -25.61 -19.62 25.15
C GLU C 123 -24.51 -19.37 24.15
N GLU C 124 -24.79 -19.55 22.86
CA GLU C 124 -23.79 -19.26 21.85
C GLU C 124 -23.43 -17.77 21.88
N GLY C 125 -22.19 -17.49 22.24
CA GLY C 125 -21.71 -16.11 22.30
C GLY C 125 -22.17 -15.38 23.54
N ILE C 126 -22.82 -16.09 24.45
CA ILE C 126 -23.40 -15.46 25.64
C ILE C 126 -22.95 -16.14 26.94
N ILE C 127 -22.55 -15.32 27.91
CA ILE C 127 -22.28 -15.78 29.26
C ILE C 127 -23.32 -15.15 30.19
N PHE C 128 -23.73 -15.88 31.22
CA PHE C 128 -24.78 -15.39 32.08
C PHE C 128 -24.31 -14.82 33.42
N GLY C 129 -24.70 -13.59 33.69
CA GLY C 129 -24.56 -13.00 35.00
C GLY C 129 -25.74 -13.49 35.82
N THR C 130 -25.67 -13.29 37.14
CA THR C 130 -26.71 -13.78 38.05
C THR C 130 -28.11 -13.27 37.72
N ASN C 131 -28.20 -12.15 37.01
CA ASN C 131 -29.49 -11.53 36.72
C ASN C 131 -29.83 -11.49 35.24
N GLY C 132 -28.97 -12.04 34.40
CA GLY C 132 -29.21 -12.01 32.97
C GLY C 132 -28.00 -12.25 32.09
N PRO C 133 -28.21 -12.26 30.76
CA PRO C 133 -27.19 -12.60 29.76
C PRO C 133 -26.20 -11.49 29.45
N VAL C 134 -24.97 -11.86 29.13
CA VAL C 134 -23.96 -10.92 28.67
C VAL C 134 -23.32 -11.43 27.39
N ASP C 135 -23.23 -10.57 26.38
CA ASP C 135 -22.52 -10.89 25.16
C ASP C 135 -21.03 -11.07 25.45
N LEU C 136 -20.48 -12.21 25.03
CA LEU C 136 -19.04 -12.47 25.19
C LEU C 136 -18.21 -11.45 24.45
N LYS C 137 -18.69 -11.02 23.28
CA LYS C 137 -17.97 -10.05 22.47
C LYS C 137 -17.75 -8.73 23.21
N LYS C 138 -18.77 -8.28 23.93
CA LYS C 138 -18.68 -7.03 24.69
C LYS C 138 -17.59 -7.14 25.75
N ILE C 139 -17.49 -8.31 26.37
CA ILE C 139 -16.47 -8.58 27.37
C ILE C 139 -15.07 -8.57 26.76
N THR C 140 -14.91 -9.29 25.66
CA THR C 140 -13.62 -9.43 25.02
C THR C 140 -13.18 -8.15 24.30
N ASN C 141 -14.15 -7.37 23.85
CA ASN C 141 -13.86 -6.14 23.13
C ASN C 141 -13.12 -5.10 23.98
N PHE C 142 -13.25 -5.21 25.29
CA PHE C 142 -12.55 -4.33 26.21
C PHE C 142 -11.03 -4.47 26.06
N PHE C 143 -10.59 -5.64 25.65
CA PHE C 143 -9.17 -5.96 25.63
C PHE C 143 -8.58 -6.03 24.23
N ARG C 144 -9.31 -5.53 23.25
CA ARG C 144 -8.79 -5.49 21.87
C ARG C 144 -7.53 -4.63 21.82
N GLY C 145 -6.65 -4.95 20.87
CA GLY C 145 -5.37 -4.26 20.72
C GLY C 145 -5.42 -2.75 20.73
N ASP C 146 -6.51 -2.18 20.24
CA ASP C 146 -6.63 -0.72 20.14
C ASP C 146 -7.34 -0.11 21.37
N ARG C 147 -7.96 -0.97 22.18
CA ARG C 147 -8.71 -0.51 23.37
C ARG C 147 -7.96 -0.75 24.68
N CYS C 148 -7.07 -1.75 24.68
CA CYS C 148 -6.25 -2.03 25.86
C CYS C 148 -4.80 -2.04 25.41
N ARG C 149 -4.26 -0.83 25.28
CA ARG C 149 -2.96 -0.60 24.67
C ARG C 149 -1.84 -1.35 25.39
N SER C 150 -2.00 -1.53 26.70
CA SER C 150 -0.98 -2.17 27.53
C SER C 150 -0.97 -3.69 27.40
N LEU C 151 -1.89 -4.23 26.61
CA LEU C 151 -1.96 -5.66 26.37
C LEU C 151 -1.75 -5.99 24.90
N THR C 152 -1.60 -4.95 24.08
CA THR C 152 -1.36 -5.12 22.65
C THR C 152 -0.10 -5.94 22.40
N GLY C 153 -0.25 -7.01 21.63
CA GLY C 153 0.87 -7.89 21.31
C GLY C 153 1.08 -8.96 22.35
N LYS C 154 0.26 -8.95 23.39
CA LYS C 154 0.34 -9.96 24.45
C LYS C 154 -0.87 -10.88 24.38
N PRO C 155 -0.68 -12.16 24.73
CA PRO C 155 -1.75 -13.17 24.65
C PRO C 155 -2.87 -12.91 25.66
N LYS C 156 -4.09 -12.86 25.15
CA LYS C 156 -5.28 -12.66 25.99
C LYS C 156 -6.15 -13.91 25.98
N LEU C 157 -6.10 -14.67 27.06
CA LEU C 157 -6.74 -15.97 27.11
C LEU C 157 -8.09 -15.92 27.82
N PHE C 158 -9.13 -16.39 27.13
CA PHE C 158 -10.46 -16.47 27.71
C PHE C 158 -10.94 -17.91 27.79
N ILE C 159 -11.06 -18.41 29.01
CA ILE C 159 -11.48 -19.78 29.25
C ILE C 159 -12.96 -19.80 29.62
N ILE C 160 -13.77 -20.40 28.75
CA ILE C 160 -15.21 -20.33 28.93
C ILE C 160 -15.81 -21.70 29.25
N GLN C 161 -16.40 -21.81 30.45
CA GLN C 161 -17.14 -23.01 30.81
C GLN C 161 -18.62 -22.64 30.87
N ALA C 162 -19.30 -22.86 29.76
CA ALA C 162 -20.72 -22.56 29.64
C ALA C 162 -21.28 -23.25 28.41
N CYS C 163 -22.61 -23.36 28.34
CA CYS C 163 -23.25 -23.94 27.18
C CYS C 163 -23.08 -23.00 25.98
N ARG C 164 -23.19 -23.56 24.79
CA ARG C 164 -23.10 -22.77 23.57
C ARG C 164 -24.32 -23.07 22.72
N GLY C 165 -25.35 -23.61 23.36
CA GLY C 165 -26.55 -24.06 22.68
C GLY C 165 -27.15 -25.26 23.38
N THR C 166 -28.07 -25.94 22.71
CA THR C 166 -28.81 -27.04 23.33
C THR C 166 -28.71 -28.33 22.52
N GLU C 167 -27.61 -28.51 21.81
CA GLU C 167 -27.41 -29.74 21.04
C GLU C 167 -26.69 -30.78 21.88
N LEU C 168 -27.00 -32.04 21.62
CA LEU C 168 -26.44 -33.15 22.40
C LEU C 168 -25.54 -34.02 21.54
N ASP C 169 -24.34 -34.29 22.04
CA ASP C 169 -23.40 -35.16 21.35
C ASP C 169 -23.58 -36.59 21.86
N CYS C 170 -24.14 -37.46 21.01
CA CYS C 170 -24.44 -38.83 21.41
C CYS C 170 -23.23 -39.75 21.30
N GLY C 171 -22.17 -39.27 20.66
CA GLY C 171 -20.93 -40.03 20.59
C GLY C 171 -20.96 -41.22 19.65
N ILE C 172 -19.82 -41.89 19.53
CA ILE C 172 -19.68 -43.06 18.68
C ILE C 172 -18.61 -43.99 19.25
N GLU C 173 -18.82 -45.29 19.09
CA GLU C 173 -17.93 -46.32 19.64
C GLU C 173 -16.47 -46.13 19.24
N LYS D 11 1.62 -2.66 11.53
CA LYS D 11 0.33 -2.70 12.20
C LYS D 11 -0.08 -4.15 12.47
N ILE D 12 -0.92 -4.38 13.47
CA ILE D 12 -1.50 -5.69 13.71
C ILE D 12 -3.01 -5.60 13.89
N PRO D 13 -3.74 -6.69 13.58
CA PRO D 13 -5.19 -6.72 13.77
C PRO D 13 -5.59 -6.55 15.23
N VAL D 14 -6.71 -5.86 15.47
CA VAL D 14 -7.20 -5.64 16.82
C VAL D 14 -7.80 -6.91 17.43
N GLU D 15 -8.03 -7.91 16.60
CA GLU D 15 -8.59 -9.18 17.06
C GLU D 15 -7.51 -10.23 17.24
N ALA D 16 -6.26 -9.83 17.01
CA ALA D 16 -5.13 -10.74 17.12
C ALA D 16 -4.75 -10.97 18.58
N ASP D 17 -4.04 -12.08 18.82
CA ASP D 17 -3.49 -12.42 20.13
C ASP D 17 -4.57 -12.77 21.14
N PHE D 18 -5.72 -13.21 20.64
CA PHE D 18 -6.78 -13.75 21.49
C PHE D 18 -6.81 -15.27 21.42
N LEU D 19 -7.07 -15.92 22.55
CA LEU D 19 -7.35 -17.34 22.55
C LEU D 19 -8.61 -17.58 23.35
N TYR D 20 -9.57 -18.26 22.74
CA TYR D 20 -10.81 -18.60 23.42
C TYR D 20 -10.88 -20.11 23.60
N ALA D 21 -10.68 -20.56 24.84
CA ALA D 21 -10.76 -21.97 25.14
C ALA D 21 -12.17 -22.31 25.59
N TYR D 22 -12.98 -22.79 24.66
CA TYR D 22 -14.36 -23.14 24.95
C TYR D 22 -14.44 -24.56 25.51
N SER D 23 -15.36 -24.74 26.46
CA SER D 23 -15.55 -26.04 27.09
C SER D 23 -16.18 -27.04 26.15
N THR D 24 -16.90 -26.53 25.14
CA THR D 24 -17.67 -27.36 24.24
C THR D 24 -17.74 -26.79 22.83
N ALA D 25 -18.13 -27.63 21.88
CA ALA D 25 -18.25 -27.22 20.49
C ALA D 25 -19.41 -26.23 20.30
N PRO D 26 -19.37 -25.44 19.21
CA PRO D 26 -20.44 -24.49 18.93
C PRO D 26 -21.82 -25.15 18.81
N GLY D 27 -22.81 -24.60 19.52
CA GLY D 27 -24.16 -25.11 19.46
C GLY D 27 -24.48 -26.19 20.47
N TYR D 28 -23.46 -26.67 21.19
CA TYR D 28 -23.62 -27.82 22.07
C TYR D 28 -23.69 -27.48 23.55
N TYR D 29 -24.30 -28.38 24.31
CA TYR D 29 -24.30 -28.30 25.77
C TYR D 29 -22.89 -28.40 26.34
N SER D 30 -22.72 -27.89 27.55
CA SER D 30 -21.49 -28.09 28.30
C SER D 30 -21.86 -28.84 29.58
N TRP D 31 -21.04 -29.80 29.98
CA TRP D 31 -21.40 -30.70 31.07
C TRP D 31 -20.63 -30.42 32.36
N ARG D 32 -21.31 -30.61 33.49
CA ARG D 32 -20.71 -30.37 34.79
C ARG D 32 -21.14 -31.43 35.82
N ASN D 33 -20.17 -31.93 36.56
CA ASN D 33 -20.44 -32.90 37.62
C ASN D 33 -20.60 -32.21 38.97
N SER D 34 -21.69 -32.53 39.66
CA SER D 34 -22.07 -31.86 40.91
C SER D 34 -21.02 -31.93 42.01
N LYS D 35 -20.18 -32.96 41.98
CA LYS D 35 -19.17 -33.13 43.01
C LYS D 35 -17.74 -32.86 42.53
N ASP D 36 -17.43 -33.30 41.32
CA ASP D 36 -16.08 -33.17 40.79
C ASP D 36 -15.85 -31.82 40.10
N GLY D 37 -16.94 -31.19 39.67
CA GLY D 37 -16.84 -29.96 38.89
C GLY D 37 -17.04 -30.26 37.42
N SER D 38 -16.91 -29.24 36.58
CA SER D 38 -17.14 -29.41 35.15
C SER D 38 -16.02 -30.21 34.51
N TRP D 39 -16.37 -30.95 33.46
CA TRP D 39 -15.43 -31.82 32.77
C TRP D 39 -14.23 -31.06 32.24
N PHE D 40 -14.50 -29.92 31.63
CA PHE D 40 -13.47 -29.12 30.97
C PHE D 40 -12.47 -28.53 31.97
N ILE D 41 -12.97 -27.90 33.02
CA ILE D 41 -12.12 -27.27 34.02
C ILE D 41 -11.31 -28.31 34.80
N GLN D 42 -11.94 -29.43 35.12
CA GLN D 42 -11.24 -30.57 35.70
C GLN D 42 -10.01 -30.92 34.88
N SER D 43 -10.26 -31.19 33.60
CA SER D 43 -9.21 -31.62 32.68
C SER D 43 -8.18 -30.53 32.42
N LEU D 44 -8.65 -29.29 32.30
CA LEU D 44 -7.77 -28.16 32.05
C LEU D 44 -6.74 -27.99 33.16
N CYS D 45 -7.19 -28.03 34.40
CA CYS D 45 -6.30 -27.88 35.56
C CYS D 45 -5.34 -29.06 35.65
N ALA D 46 -5.84 -30.26 35.41
CA ALA D 46 -5.02 -31.47 35.43
C ALA D 46 -3.89 -31.39 34.41
N MET D 47 -4.23 -31.06 33.16
CA MET D 47 -3.25 -30.98 32.09
C MET D 47 -2.28 -29.83 32.28
N LEU D 48 -2.78 -28.71 32.80
CA LEU D 48 -1.92 -27.58 33.13
C LEU D 48 -0.94 -27.97 34.22
N LYS D 49 -1.45 -28.59 35.28
CA LYS D 49 -0.61 -29.02 36.39
C LYS D 49 0.50 -29.97 35.93
N GLN D 50 0.17 -30.84 34.98
CA GLN D 50 1.10 -31.87 34.53
C GLN D 50 2.06 -31.39 33.43
N TYR D 51 1.60 -30.48 32.56
CA TYR D 51 2.34 -30.19 31.33
C TYR D 51 2.75 -28.72 31.11
N ALA D 52 2.36 -27.82 32.02
CA ALA D 52 2.63 -26.39 31.81
C ALA D 52 4.12 -26.04 31.72
N ASP D 53 4.98 -26.93 32.22
CA ASP D 53 6.41 -26.67 32.19
C ASP D 53 7.12 -27.54 31.17
N LYS D 54 6.33 -28.19 30.32
CA LYS D 54 6.87 -29.10 29.31
C LYS D 54 6.31 -28.84 27.92
N LEU D 55 5.05 -28.43 27.85
CA LEU D 55 4.38 -28.31 26.56
C LEU D 55 3.92 -26.89 26.27
N GLU D 56 3.78 -26.60 24.98
CA GLU D 56 3.18 -25.34 24.54
C GLU D 56 1.69 -25.38 24.81
N PHE D 57 1.08 -24.23 25.03
CA PHE D 57 -0.31 -24.16 25.51
C PHE D 57 -1.32 -24.85 24.59
N MET D 58 -1.08 -24.80 23.28
CA MET D 58 -2.02 -25.42 22.34
C MET D 58 -1.97 -26.94 22.46
N HIS D 59 -0.79 -27.48 22.74
CA HIS D 59 -0.63 -28.92 22.92
C HIS D 59 -1.24 -29.37 24.24
N ILE D 60 -1.16 -28.51 25.25
CA ILE D 60 -1.81 -28.76 26.52
C ILE D 60 -3.32 -28.85 26.35
N LEU D 61 -3.87 -27.88 25.62
CA LEU D 61 -5.31 -27.83 25.36
C LEU D 61 -5.77 -29.00 24.50
N THR D 62 -4.89 -29.48 23.64
CA THR D 62 -5.20 -30.65 22.80
C THR D 62 -5.35 -31.88 23.68
N ARG D 63 -4.48 -32.00 24.68
CA ARG D 63 -4.57 -33.09 25.65
C ARG D 63 -5.81 -32.93 26.53
N VAL D 64 -6.21 -31.68 26.76
CA VAL D 64 -7.45 -31.40 27.47
C VAL D 64 -8.62 -31.92 26.63
N ASN D 65 -8.52 -31.72 25.33
CA ASN D 65 -9.53 -32.19 24.39
C ASN D 65 -9.70 -33.71 24.43
N ARG D 66 -8.58 -34.43 24.42
CA ARG D 66 -8.65 -35.89 24.36
C ARG D 66 -9.13 -36.45 25.69
N LYS D 67 -8.82 -35.75 26.78
CA LYS D 67 -9.23 -36.18 28.11
C LYS D 67 -10.75 -36.07 28.28
N VAL D 68 -11.29 -34.90 27.94
CA VAL D 68 -12.73 -34.67 28.02
C VAL D 68 -13.49 -35.60 27.07
N ALA D 69 -12.90 -35.86 25.91
CA ALA D 69 -13.56 -36.65 24.87
C ALA D 69 -13.59 -38.13 25.20
N THR D 70 -12.55 -38.62 25.86
CA THR D 70 -12.40 -40.06 26.07
C THR D 70 -12.75 -40.52 27.48
N GLU D 71 -12.57 -39.64 28.46
CA GLU D 71 -12.70 -40.05 29.86
C GLU D 71 -14.02 -39.63 30.52
N PHE D 72 -14.83 -38.86 29.81
CA PHE D 72 -16.10 -38.40 30.37
C PHE D 72 -17.31 -38.83 29.57
N GLU D 73 -18.35 -39.26 30.29
CA GLU D 73 -19.65 -39.56 29.71
C GLU D 73 -20.71 -39.23 30.75
N SER D 74 -21.79 -38.59 30.32
CA SER D 74 -22.78 -38.08 31.25
C SER D 74 -23.56 -39.21 31.89
N PHE D 75 -23.87 -39.04 33.18
CA PHE D 75 -24.76 -39.97 33.88
C PHE D 75 -25.99 -39.23 34.39
N SER D 76 -27.15 -39.67 33.94
CA SER D 76 -28.40 -39.02 34.31
C SER D 76 -29.54 -40.04 34.41
N PHE D 77 -30.44 -39.83 35.36
CA PHE D 77 -31.64 -40.65 35.46
C PHE D 77 -32.56 -40.30 34.30
N ASP D 78 -32.44 -39.07 33.83
CA ASP D 78 -33.17 -38.60 32.66
C ASP D 78 -32.49 -39.16 31.41
N ALA D 79 -33.20 -40.02 30.69
CA ALA D 79 -32.64 -40.69 29.51
C ALA D 79 -32.23 -39.69 28.45
N THR D 80 -32.89 -38.53 28.45
CA THR D 80 -32.59 -37.47 27.51
C THR D 80 -31.18 -36.92 27.73
N PHE D 81 -30.72 -36.95 28.98
CA PHE D 81 -29.44 -36.34 29.33
C PHE D 81 -28.38 -37.38 29.68
N HIS D 82 -28.70 -38.66 29.43
CA HIS D 82 -27.80 -39.74 29.81
C HIS D 82 -26.92 -40.21 28.65
N ALA D 83 -25.68 -40.59 28.98
CA ALA D 83 -24.74 -41.15 28.02
C ALA D 83 -24.36 -40.17 26.92
N LYS D 84 -24.18 -38.90 27.29
CA LYS D 84 -23.80 -37.87 26.33
C LYS D 84 -22.31 -37.58 26.40
N LYS D 85 -21.76 -37.05 25.32
CA LYS D 85 -20.33 -36.78 25.24
C LYS D 85 -20.06 -35.30 25.06
N GLN D 86 -18.78 -34.92 25.11
CA GLN D 86 -18.39 -33.53 25.00
C GLN D 86 -16.98 -33.37 24.45
N ILE D 87 -16.82 -32.50 23.46
CA ILE D 87 -15.51 -32.13 22.95
C ILE D 87 -15.30 -30.63 23.11
N PRO D 88 -14.19 -30.23 23.74
CA PRO D 88 -13.91 -28.80 23.88
C PRO D 88 -13.53 -28.17 22.53
N CYS D 89 -13.46 -26.85 22.49
CA CYS D 89 -13.26 -26.14 21.23
C CYS D 89 -12.23 -25.03 21.38
N ILE D 90 -11.03 -25.27 20.85
CA ILE D 90 -9.96 -24.28 20.92
C ILE D 90 -10.04 -23.30 19.75
N VAL D 91 -10.20 -22.01 20.08
CA VAL D 91 -10.26 -20.98 19.06
C VAL D 91 -9.09 -20.01 19.24
N SER D 92 -8.08 -20.14 18.38
CA SER D 92 -6.84 -19.40 18.55
C SER D 92 -6.65 -18.33 17.48
N MET D 93 -6.56 -17.08 17.92
CA MET D 93 -6.14 -15.99 17.05
C MET D 93 -4.77 -15.50 17.49
N LEU D 94 -4.00 -16.42 18.07
CA LEU D 94 -2.66 -16.12 18.55
C LEU D 94 -1.68 -16.08 17.39
N THR D 95 -0.62 -15.30 17.53
CA THR D 95 0.36 -15.14 16.47
C THR D 95 1.72 -15.73 16.85
N LYS D 96 1.83 -16.16 18.11
CA LYS D 96 3.04 -16.80 18.58
C LYS D 96 2.72 -18.02 19.42
N GLU D 97 3.74 -18.82 19.73
CA GLU D 97 3.58 -19.97 20.60
C GLU D 97 3.57 -19.51 22.06
N LEU D 98 2.82 -20.22 22.91
CA LEU D 98 2.68 -19.80 24.30
C LEU D 98 3.22 -20.84 25.27
N TYR D 99 4.20 -20.44 26.06
CA TYR D 99 4.76 -21.29 27.11
C TYR D 99 4.64 -20.58 28.45
N PHE D 100 4.35 -21.34 29.50
CA PHE D 100 4.19 -20.74 30.83
C PHE D 100 5.48 -20.82 31.64
N TYR D 101 6.61 -20.82 30.94
CA TYR D 101 7.91 -20.85 31.60
C TYR D 101 8.98 -20.19 30.72
N ASN E 35 -5.10 18.36 -27.88
CA ASN E 35 -5.49 17.02 -27.46
C ASN E 35 -5.04 16.70 -26.04
N SER E 36 -5.55 15.59 -25.50
CA SER E 36 -5.31 15.20 -24.13
C SER E 36 -4.94 13.72 -24.08
N TYR E 37 -4.11 13.33 -23.11
CA TYR E 37 -3.76 11.93 -22.97
C TYR E 37 -4.97 11.06 -22.68
N LYS E 38 -5.03 9.91 -23.34
CA LYS E 38 -6.09 8.93 -23.10
C LYS E 38 -5.94 8.35 -21.68
N MET E 39 -6.89 8.69 -20.81
CA MET E 39 -6.80 8.30 -19.41
C MET E 39 -7.91 7.34 -18.99
N ASP E 40 -8.56 6.69 -19.95
CA ASP E 40 -9.63 5.76 -19.62
C ASP E 40 -9.26 4.31 -19.95
N TYR E 41 -7.99 3.99 -19.79
CA TYR E 41 -7.54 2.61 -19.79
C TYR E 41 -8.12 1.94 -18.54
N PRO E 42 -8.13 0.58 -18.50
CA PRO E 42 -8.60 -0.12 -17.32
C PRO E 42 -7.99 0.38 -16.01
N GLU E 43 -6.68 0.60 -16.01
CA GLU E 43 -5.99 1.15 -14.85
C GLU E 43 -5.42 2.53 -15.12
N MET E 44 -5.23 3.31 -14.07
CA MET E 44 -4.60 4.62 -14.18
C MET E 44 -3.09 4.44 -14.34
N GLY E 45 -2.57 3.39 -13.72
CA GLY E 45 -1.16 3.07 -13.80
C GLY E 45 -0.55 2.84 -12.43
N LEU E 46 0.75 2.56 -12.40
CA LEU E 46 1.46 2.38 -11.14
C LEU E 46 1.87 3.73 -10.55
N CYS E 47 1.99 3.76 -9.23
CA CYS E 47 2.61 4.89 -8.55
C CYS E 47 3.69 4.37 -7.63
N ILE E 48 4.94 4.49 -8.07
CA ILE E 48 6.06 3.97 -7.31
C ILE E 48 6.65 5.05 -6.41
N ILE E 49 6.50 4.86 -5.10
CA ILE E 49 7.03 5.81 -4.13
C ILE E 49 8.26 5.23 -3.44
N ILE E 50 9.41 5.85 -3.68
CA ILE E 50 10.64 5.43 -3.04
C ILE E 50 10.99 6.40 -1.92
N ASN E 51 10.84 5.95 -0.69
CA ASN E 51 11.02 6.81 0.47
C ASN E 51 12.29 6.49 1.23
N ASN E 52 13.35 7.25 0.96
CA ASN E 52 14.62 7.06 1.64
C ASN E 52 14.74 8.02 2.82
N LYS E 53 14.73 7.46 4.02
CA LYS E 53 14.75 8.25 5.24
C LYS E 53 16.07 8.10 5.99
N ASN E 54 16.56 6.87 6.03
CA ASN E 54 17.76 6.56 6.78
C ASN E 54 18.88 6.10 5.85
N PHE E 55 20.06 6.67 6.06
CA PHE E 55 21.18 6.42 5.17
C PHE E 55 22.34 5.84 5.96
N HIS E 56 23.18 5.05 5.28
CA HIS E 56 24.30 4.40 5.95
C HIS E 56 25.24 5.48 6.46
N LYS E 57 25.83 5.25 7.63
CA LYS E 57 26.68 6.26 8.26
C LYS E 57 27.92 6.58 7.45
N SER E 58 28.31 5.63 6.59
CA SER E 58 29.46 5.82 5.72
C SER E 58 29.24 6.95 4.73
N THR E 59 27.98 7.28 4.49
CA THR E 59 27.62 8.35 3.56
C THR E 59 27.60 9.69 4.26
N GLY E 60 27.40 9.66 5.58
CA GLY E 60 27.36 10.88 6.37
C GLY E 60 26.11 11.70 6.16
N MET E 61 25.14 11.15 5.44
CA MET E 61 23.90 11.87 5.15
C MET E 61 22.94 11.75 6.31
N THR E 62 22.23 12.84 6.61
CA THR E 62 21.35 12.88 7.78
C THR E 62 20.04 12.18 7.52
N SER E 63 19.42 11.70 8.60
CA SER E 63 18.10 11.10 8.52
C SER E 63 17.11 12.17 8.06
N ARG E 64 16.22 11.82 7.14
CA ARG E 64 15.30 12.78 6.57
C ARG E 64 13.97 12.79 7.31
N SER E 65 13.98 13.32 8.53
CA SER E 65 12.78 13.38 9.36
C SER E 65 11.65 14.16 8.68
N GLY E 66 10.46 13.56 8.67
CA GLY E 66 9.30 14.20 8.08
C GLY E 66 8.92 13.58 6.75
N THR E 67 9.81 12.75 6.21
CA THR E 67 9.59 12.15 4.91
C THR E 67 8.52 11.06 4.95
N ASP E 68 8.28 10.51 6.14
CA ASP E 68 7.24 9.50 6.30
C ASP E 68 5.88 10.14 6.16
N VAL E 69 5.75 11.37 6.65
CA VAL E 69 4.55 12.17 6.46
C VAL E 69 4.30 12.39 4.97
N ASP E 70 5.36 12.67 4.22
CA ASP E 70 5.28 12.84 2.78
C ASP E 70 4.78 11.56 2.11
N ALA E 71 5.45 10.45 2.40
CA ALA E 71 5.16 9.16 1.76
C ALA E 71 3.73 8.72 2.02
N ALA E 72 3.22 9.02 3.22
CA ALA E 72 1.85 8.65 3.58
C ALA E 72 0.86 9.57 2.88
N ASN E 73 1.22 10.84 2.76
CA ASN E 73 0.37 11.82 2.10
C ASN E 73 0.29 11.56 0.61
N LEU E 74 1.44 11.18 0.02
CA LEU E 74 1.50 10.78 -1.37
C LEU E 74 0.67 9.53 -1.65
N ARG E 75 0.83 8.55 -0.78
CA ARG E 75 0.13 7.27 -0.93
C ARG E 75 -1.38 7.47 -0.96
N GLU E 76 -1.88 8.32 -0.08
CA GLU E 76 -3.32 8.58 0.00
C GLU E 76 -3.80 9.38 -1.20
N THR E 77 -3.01 10.37 -1.60
CA THR E 77 -3.36 11.23 -2.72
C THR E 77 -3.51 10.44 -4.02
N PHE E 78 -2.53 9.59 -4.31
CA PHE E 78 -2.55 8.83 -5.55
C PHE E 78 -3.43 7.60 -5.46
N ARG E 79 -3.73 7.16 -4.24
CA ARG E 79 -4.74 6.14 -4.03
C ARG E 79 -6.11 6.65 -4.46
N ASN E 80 -6.37 7.91 -4.11
CA ASN E 80 -7.64 8.55 -4.40
C ASN E 80 -7.78 8.85 -5.89
N LEU E 81 -6.65 8.87 -6.60
CA LEU E 81 -6.65 9.05 -8.04
C LEU E 81 -6.71 7.72 -8.78
N LYS E 82 -6.89 6.63 -8.01
CA LYS E 82 -7.02 5.27 -8.55
C LYS E 82 -5.72 4.74 -9.15
N TYR E 83 -4.59 5.13 -8.57
CA TYR E 83 -3.31 4.55 -8.97
C TYR E 83 -2.97 3.36 -8.08
N GLU E 84 -2.26 2.39 -8.65
CA GLU E 84 -1.76 1.26 -7.87
C GLU E 84 -0.47 1.69 -7.17
N VAL E 85 -0.61 2.19 -5.94
CA VAL E 85 0.52 2.74 -5.21
C VAL E 85 1.39 1.64 -4.61
N ARG E 86 2.69 1.76 -4.78
CA ARG E 86 3.64 0.83 -4.19
C ARG E 86 4.72 1.58 -3.41
N ASN E 87 4.70 1.45 -2.09
CA ASN E 87 5.68 2.10 -1.25
C ASN E 87 6.92 1.25 -0.96
N LYS E 88 8.08 1.84 -1.19
CA LYS E 88 9.36 1.21 -0.89
C LYS E 88 10.14 2.10 0.05
N ASN E 89 10.73 1.51 1.09
CA ASN E 89 11.42 2.29 2.11
C ASN E 89 12.90 1.95 2.20
N ASP E 90 13.72 2.99 2.27
CA ASP E 90 15.16 2.86 2.47
C ASP E 90 15.80 1.87 1.51
N LEU E 91 15.75 2.19 0.22
CA LEU E 91 16.36 1.34 -0.81
C LEU E 91 17.79 1.77 -1.09
N THR E 92 18.65 0.78 -1.30
CA THR E 92 20.03 1.06 -1.69
C THR E 92 20.06 1.51 -3.15
N ARG E 93 21.21 2.01 -3.59
CA ARG E 93 21.37 2.45 -4.97
C ARG E 93 21.08 1.32 -5.95
N GLU E 94 21.52 0.11 -5.60
CA GLU E 94 21.31 -1.06 -6.45
C GLU E 94 19.85 -1.49 -6.49
N GLU E 95 19.18 -1.39 -5.34
CA GLU E 95 17.78 -1.78 -5.23
C GLU E 95 16.87 -0.85 -6.04
N ILE E 96 17.20 0.45 -6.03
CA ILE E 96 16.42 1.42 -6.79
C ILE E 96 16.50 1.12 -8.29
N VAL E 97 17.71 0.95 -8.79
CA VAL E 97 17.95 0.62 -10.19
C VAL E 97 17.22 -0.66 -10.58
N GLU E 98 17.37 -1.68 -9.75
CA GLU E 98 16.78 -2.99 -10.01
C GLU E 98 15.25 -2.98 -9.97
N LEU E 99 14.71 -2.14 -9.10
CA LEU E 99 13.26 -2.01 -8.99
C LEU E 99 12.69 -1.34 -10.23
N MET E 100 13.25 -0.19 -10.58
CA MET E 100 12.80 0.59 -11.73
C MET E 100 12.93 -0.20 -13.03
N ARG E 101 13.98 -1.02 -13.14
CA ARG E 101 14.13 -1.88 -14.30
C ARG E 101 13.02 -2.92 -14.35
N ASP E 102 12.80 -3.59 -13.22
CA ASP E 102 11.76 -4.61 -13.13
C ASP E 102 10.37 -4.03 -13.38
N VAL E 103 10.15 -2.81 -12.86
CA VAL E 103 8.88 -2.12 -13.06
C VAL E 103 8.71 -1.72 -14.52
N SER E 104 9.80 -1.29 -15.15
CA SER E 104 9.76 -0.84 -16.53
C SER E 104 9.48 -1.97 -17.52
N LYS E 105 9.83 -3.20 -17.14
CA LYS E 105 9.59 -4.36 -18.00
C LYS E 105 8.28 -5.08 -17.65
N GLU E 106 7.46 -4.44 -16.81
CA GLU E 106 6.11 -4.93 -16.57
C GLU E 106 5.26 -4.64 -17.80
N ASP E 107 4.03 -5.15 -17.80
CA ASP E 107 3.13 -4.95 -18.92
C ASP E 107 2.14 -3.83 -18.62
N HIS E 108 2.42 -2.64 -19.14
CA HIS E 108 1.63 -1.45 -18.86
C HIS E 108 0.52 -1.22 -19.89
N SER E 109 0.18 -2.27 -20.64
CA SER E 109 -0.77 -2.17 -21.75
C SER E 109 -2.14 -1.65 -21.33
N LYS E 110 -2.58 -2.00 -20.12
CA LYS E 110 -3.88 -1.59 -19.61
C LYS E 110 -3.75 -0.47 -18.58
N ARG E 111 -2.62 0.22 -18.63
CA ARG E 111 -2.40 1.36 -17.74
C ARG E 111 -2.37 2.67 -18.53
N SER E 112 -2.98 3.71 -17.98
CA SER E 112 -3.05 5.00 -18.66
C SER E 112 -1.72 5.77 -18.57
N SER E 113 -1.04 5.63 -17.43
CA SER E 113 0.17 6.40 -17.18
C SER E 113 1.12 5.69 -16.22
N PHE E 114 2.19 6.39 -15.86
CA PHE E 114 3.15 5.88 -14.88
C PHE E 114 3.65 7.02 -14.00
N VAL E 115 3.62 6.80 -12.70
CA VAL E 115 4.08 7.81 -11.75
C VAL E 115 5.18 7.25 -10.86
N CYS E 116 6.31 7.96 -10.79
CA CYS E 116 7.37 7.62 -9.87
C CYS E 116 7.69 8.79 -8.97
N VAL E 117 7.69 8.56 -7.66
CA VAL E 117 8.01 9.60 -6.70
C VAL E 117 9.30 9.26 -5.98
N LEU E 118 10.25 10.19 -6.02
CA LEU E 118 11.55 9.97 -5.39
C LEU E 118 11.74 10.90 -4.20
N LEU E 119 11.86 10.32 -3.02
CA LEU E 119 12.06 11.08 -1.79
C LEU E 119 13.38 10.72 -1.13
N SER E 120 14.39 11.54 -1.34
CA SER E 120 15.72 11.27 -0.77
C SER E 120 16.62 12.49 -0.85
N HIS E 121 17.89 12.29 -0.48
CA HIS E 121 18.90 13.31 -0.69
C HIS E 121 19.25 13.34 -2.16
N GLY E 122 19.76 14.47 -2.64
CA GLY E 122 20.12 14.55 -4.03
C GLY E 122 21.18 15.57 -4.40
N GLU E 123 21.51 15.57 -5.67
CA GLU E 123 22.41 16.55 -6.28
C GLU E 123 21.83 16.83 -7.66
N GLU E 124 22.48 17.69 -8.42
CA GLU E 124 22.01 17.96 -9.78
C GLU E 124 22.07 16.68 -10.62
N GLY E 125 20.90 16.20 -11.03
CA GLY E 125 20.82 15.00 -11.85
C GLY E 125 21.03 13.72 -11.08
N ILE E 126 21.12 13.83 -9.76
CA ILE E 126 21.44 12.68 -8.92
C ILE E 126 20.42 12.48 -7.81
N ILE E 127 19.99 11.24 -7.63
CA ILE E 127 19.17 10.86 -6.49
C ILE E 127 20.01 9.91 -5.63
N PHE E 128 19.82 9.98 -4.32
CA PHE E 128 20.65 9.17 -3.42
C PHE E 128 19.92 7.95 -2.89
N GLY E 129 20.53 6.79 -3.09
CA GLY E 129 20.12 5.58 -2.41
C GLY E 129 20.76 5.62 -1.03
N THR E 130 20.30 4.74 -0.15
CA THR E 130 20.80 4.72 1.23
C THR E 130 22.31 4.54 1.32
N ASN E 131 22.90 3.97 0.27
CA ASN E 131 24.32 3.68 0.28
C ASN E 131 25.13 4.46 -0.77
N GLY E 132 24.46 5.33 -1.52
CA GLY E 132 25.15 6.08 -2.55
C GLY E 132 24.28 6.66 -3.65
N PRO E 133 24.89 7.41 -4.58
CA PRO E 133 24.22 8.16 -5.65
C PRO E 133 23.75 7.30 -6.83
N VAL E 134 22.65 7.72 -7.44
CA VAL E 134 22.15 7.11 -8.67
C VAL E 134 21.83 8.19 -9.69
N ASP E 135 22.28 8.03 -10.93
CA ASP E 135 21.90 8.95 -11.99
C ASP E 135 20.40 8.91 -12.23
N LEU E 136 19.77 10.08 -12.20
CA LEU E 136 18.34 10.19 -12.49
C LEU E 136 18.07 9.70 -13.90
N LYS E 137 18.99 10.00 -14.81
CA LYS E 137 18.86 9.58 -16.20
C LYS E 137 18.79 8.07 -16.33
N LYS E 138 19.64 7.37 -15.58
CA LYS E 138 19.67 5.91 -15.62
C LYS E 138 18.33 5.32 -15.21
N ILE E 139 17.72 5.90 -14.18
CA ILE E 139 16.41 5.46 -13.70
C ILE E 139 15.34 5.72 -14.75
N THR E 140 15.33 6.93 -15.29
CA THR E 140 14.32 7.34 -16.25
C THR E 140 14.49 6.67 -17.62
N ASN E 141 15.73 6.32 -17.96
CA ASN E 141 16.02 5.70 -19.25
C ASN E 141 15.33 4.35 -19.43
N PHE E 142 14.99 3.70 -18.33
CA PHE E 142 14.27 2.43 -18.37
C PHE E 142 12.92 2.59 -19.05
N PHE E 143 12.37 3.80 -18.99
CA PHE E 143 11.02 4.04 -19.44
C PHE E 143 10.98 4.83 -20.73
N ARG E 144 12.12 4.93 -21.41
CA ARG E 144 12.17 5.61 -22.70
C ARG E 144 11.25 4.90 -23.69
N GLY E 145 10.71 5.66 -24.64
CA GLY E 145 9.74 5.17 -25.60
C GLY E 145 10.12 3.88 -26.30
N ASP E 146 11.41 3.67 -26.50
CA ASP E 146 11.91 2.50 -27.22
C ASP E 146 12.28 1.36 -26.28
N ARG E 147 12.34 1.65 -24.99
CA ARG E 147 12.75 0.64 -24.01
C ARG E 147 11.57 0.12 -23.20
N CYS E 148 10.51 0.91 -23.12
CA CYS E 148 9.27 0.48 -22.46
C CYS E 148 8.10 0.69 -23.41
N ARG E 149 7.93 -0.23 -24.34
CA ARG E 149 6.96 -0.10 -25.43
C ARG E 149 5.53 0.05 -24.93
N SER E 150 5.23 -0.55 -23.77
CA SER E 150 3.88 -0.54 -23.24
C SER E 150 3.53 0.78 -22.56
N LEU E 151 4.48 1.70 -22.53
CA LEU E 151 4.24 3.04 -21.98
C LEU E 151 4.44 4.10 -23.05
N THR E 152 4.81 3.67 -24.25
CA THR E 152 5.00 4.58 -25.37
C THR E 152 3.72 5.35 -25.67
N GLY E 153 3.82 6.68 -25.69
CA GLY E 153 2.67 7.53 -25.96
C GLY E 153 1.87 7.83 -24.72
N LYS E 154 2.31 7.30 -23.58
CA LYS E 154 1.65 7.53 -22.31
C LYS E 154 2.50 8.44 -21.42
N PRO E 155 1.86 9.28 -20.61
CA PRO E 155 2.61 10.21 -19.78
C PRO E 155 3.40 9.50 -18.68
N LYS E 156 4.70 9.75 -18.63
CA LYS E 156 5.55 9.16 -17.61
C LYS E 156 6.04 10.26 -16.67
N LEU E 157 5.44 10.31 -15.48
CA LEU E 157 5.66 11.40 -14.55
C LEU E 157 6.67 11.02 -13.48
N PHE E 158 7.72 11.81 -13.33
CA PHE E 158 8.70 11.58 -12.28
C PHE E 158 8.73 12.77 -11.33
N ILE E 159 8.28 12.53 -10.10
CA ILE E 159 8.23 13.56 -9.08
C ILE E 159 9.40 13.40 -8.13
N ILE E 160 10.31 14.37 -8.14
CA ILE E 160 11.55 14.25 -7.38
C ILE E 160 11.66 15.27 -6.26
N GLN E 161 11.75 14.76 -5.04
CA GLN E 161 12.00 15.61 -3.87
C GLN E 161 13.43 15.35 -3.40
N ALA E 162 14.34 16.19 -3.87
CA ALA E 162 15.75 16.07 -3.53
C ALA E 162 16.47 17.36 -3.89
N CYS E 163 17.65 17.56 -3.33
CA CYS E 163 18.45 18.73 -3.65
C CYS E 163 18.97 18.63 -5.09
N ARG E 164 19.30 19.77 -5.67
CA ARG E 164 19.85 19.82 -7.02
C ARG E 164 21.13 20.62 -7.03
N GLY E 165 21.73 20.79 -5.85
CA GLY E 165 22.90 21.61 -5.68
C GLY E 165 22.91 22.28 -4.32
N THR E 166 23.77 23.27 -4.15
CA THR E 166 23.94 23.91 -2.84
C THR E 166 23.77 25.42 -2.89
N GLU E 167 22.94 25.91 -3.81
CA GLU E 167 22.67 27.34 -3.89
C GLU E 167 21.46 27.65 -3.02
N LEU E 168 21.45 28.85 -2.44
CA LEU E 168 20.37 29.25 -1.55
C LEU E 168 19.59 30.40 -2.16
N ASP E 169 18.27 30.27 -2.17
CA ASP E 169 17.41 31.35 -2.66
C ASP E 169 17.05 32.24 -1.48
N CYS E 170 17.61 33.44 -1.48
CA CYS E 170 17.42 34.37 -0.37
C CYS E 170 16.12 35.15 -0.52
N GLY E 171 15.50 35.05 -1.69
CA GLY E 171 14.21 35.65 -1.91
C GLY E 171 14.24 37.16 -2.05
N ILE E 172 13.07 37.74 -2.31
CA ILE E 172 12.93 39.19 -2.45
C ILE E 172 11.51 39.58 -2.03
N GLU E 173 11.38 40.74 -1.40
CA GLU E 173 10.08 41.18 -0.90
C GLU E 173 9.18 41.59 -2.05
N LYS F 11 6.91 8.13 -36.35
CA LYS F 11 7.76 8.01 -35.18
C LYS F 11 7.54 9.14 -34.19
N ILE F 12 7.89 8.89 -32.93
CA ILE F 12 7.94 9.92 -31.91
C ILE F 12 9.27 9.86 -31.17
N PRO F 13 9.73 10.98 -30.61
CA PRO F 13 10.98 10.99 -29.84
C PRO F 13 10.94 10.05 -28.64
N VAL F 14 12.05 9.41 -28.32
CA VAL F 14 12.12 8.50 -27.18
C VAL F 14 12.12 9.27 -25.85
N GLU F 15 12.33 10.57 -25.92
CA GLU F 15 12.34 11.42 -24.73
C GLU F 15 11.01 12.13 -24.54
N ALA F 16 10.07 11.86 -25.45
CA ALA F 16 8.76 12.49 -25.40
C ALA F 16 7.90 11.85 -24.32
N ASP F 17 6.87 12.58 -23.89
CA ASP F 17 5.88 12.10 -22.93
C ASP F 17 6.47 11.91 -21.54
N PHE F 18 7.55 12.62 -21.23
CA PHE F 18 8.08 12.66 -19.88
C PHE F 18 7.71 13.96 -19.17
N LEU F 19 7.42 13.85 -17.88
CA LEU F 19 7.23 15.02 -17.03
C LEU F 19 8.06 14.87 -15.76
N TYR F 20 8.91 15.85 -15.50
CA TYR F 20 9.74 15.85 -14.31
C TYR F 20 9.34 16.97 -13.36
N ALA F 21 8.69 16.62 -12.26
CA ALA F 21 8.30 17.62 -11.27
C ALA F 21 9.38 17.73 -10.20
N TYR F 22 10.27 18.70 -10.36
CA TYR F 22 11.34 18.92 -9.39
C TYR F 22 10.86 19.80 -8.26
N SER F 23 11.33 19.50 -7.05
CA SER F 23 10.96 20.25 -5.87
C SER F 23 11.59 21.64 -5.86
N THR F 24 12.68 21.78 -6.60
CA THR F 24 13.47 23.01 -6.58
C THR F 24 14.13 23.31 -7.91
N ALA F 25 14.58 24.55 -8.08
CA ALA F 25 15.25 24.99 -9.30
C ALA F 25 16.62 24.33 -9.42
N PRO F 26 17.16 24.27 -10.65
CA PRO F 26 18.49 23.68 -10.85
C PRO F 26 19.59 24.37 -10.04
N GLY F 27 20.39 23.59 -9.32
CA GLY F 27 21.49 24.11 -8.55
C GLY F 27 21.15 24.49 -7.12
N TYR F 28 19.87 24.44 -6.78
CA TYR F 28 19.42 24.92 -5.47
C TYR F 28 19.09 23.81 -4.48
N TYR F 29 19.16 24.15 -3.20
CA TYR F 29 18.72 23.25 -2.14
C TYR F 29 17.23 22.95 -2.24
N SER F 30 16.82 21.83 -1.66
CA SER F 30 15.40 21.52 -1.52
C SER F 30 15.07 21.44 -0.03
N TRP F 31 13.93 21.98 0.36
CA TRP F 31 13.63 22.13 1.78
C TRP F 31 12.58 21.16 2.29
N ARG F 32 12.76 20.73 3.54
CA ARG F 32 11.87 19.79 4.19
C ARG F 32 11.68 20.18 5.66
N ASN F 33 10.43 20.19 6.09
CA ASN F 33 10.12 20.45 7.49
C ASN F 33 10.02 19.15 8.26
N SER F 34 10.74 19.08 9.38
CA SER F 34 10.86 17.85 10.15
C SER F 34 9.53 17.25 10.62
N LYS F 35 8.49 18.07 10.75
CA LYS F 35 7.23 17.57 11.25
C LYS F 35 6.14 17.46 10.18
N ASP F 36 6.10 18.47 9.32
CA ASP F 36 5.06 18.55 8.30
C ASP F 36 5.42 17.81 7.02
N GLY F 37 6.71 17.59 6.82
CA GLY F 37 7.19 16.99 5.58
C GLY F 37 7.75 18.07 4.68
N SER F 38 8.17 17.70 3.48
CA SER F 38 8.79 18.65 2.56
C SER F 38 7.77 19.63 2.01
N TRP F 39 8.23 20.84 1.73
CA TRP F 39 7.38 21.92 1.24
C TRP F 39 6.68 21.53 -0.06
N PHE F 40 7.45 20.92 -0.95
CA PHE F 40 6.97 20.57 -2.28
C PHE F 40 5.89 19.49 -2.25
N ILE F 41 6.15 18.41 -1.53
CA ILE F 41 5.21 17.29 -1.45
C ILE F 41 3.93 17.70 -0.70
N GLN F 42 4.10 18.49 0.35
CA GLN F 42 2.96 19.09 1.05
C GLN F 42 2.03 19.79 0.07
N SER F 43 2.59 20.74 -0.67
CA SER F 43 1.82 21.56 -1.61
C SER F 43 1.26 20.73 -2.76
N LEU F 44 2.07 19.79 -3.26
CA LEU F 44 1.66 18.93 -4.37
C LEU F 44 0.42 18.11 -4.02
N CYS F 45 0.43 17.51 -2.85
CA CYS F 45 -0.69 16.68 -2.40
C CYS F 45 -1.94 17.52 -2.18
N ALA F 46 -1.76 18.69 -1.57
CA ALA F 46 -2.86 19.62 -1.34
C ALA F 46 -3.53 20.05 -2.64
N MET F 47 -2.71 20.49 -3.61
CA MET F 47 -3.24 20.96 -4.87
C MET F 47 -3.85 19.83 -5.69
N LEU F 48 -3.25 18.64 -5.60
CA LEU F 48 -3.83 17.46 -6.23
C LEU F 48 -5.17 17.13 -5.58
N LYS F 49 -5.19 17.13 -4.26
CA LYS F 49 -6.41 16.87 -3.50
C LYS F 49 -7.52 17.85 -3.86
N GLN F 50 -7.14 19.11 -4.06
CA GLN F 50 -8.10 20.19 -4.30
C GLN F 50 -8.50 20.34 -5.77
N TYR F 51 -7.57 20.08 -6.69
CA TYR F 51 -7.78 20.47 -8.08
C TYR F 51 -7.71 19.34 -9.12
N ALA F 52 -7.46 18.11 -8.70
CA ALA F 52 -7.31 17.00 -9.65
C ALA F 52 -8.58 16.78 -10.47
N ASP F 53 -9.70 17.29 -9.98
CA ASP F 53 -10.97 17.14 -10.68
C ASP F 53 -11.43 18.46 -11.29
N LYS F 54 -10.52 19.44 -11.33
CA LYS F 54 -10.86 20.76 -11.85
C LYS F 54 -9.86 21.26 -12.88
N LEU F 55 -8.58 20.92 -12.70
CA LEU F 55 -7.52 21.50 -13.51
C LEU F 55 -6.70 20.48 -14.28
N GLU F 56 -6.07 20.94 -15.36
CA GLU F 56 -5.07 20.17 -16.07
C GLU F 56 -3.82 20.12 -15.21
N PHE F 57 -3.03 19.06 -15.34
CA PHE F 57 -1.94 18.79 -14.41
C PHE F 57 -0.90 19.92 -14.33
N MET F 58 -0.64 20.58 -15.45
CA MET F 58 0.35 21.65 -15.47
C MET F 58 -0.14 22.85 -14.67
N HIS F 59 -1.45 23.09 -14.71
CA HIS F 59 -2.05 24.17 -13.96
C HIS F 59 -2.07 23.83 -12.48
N ILE F 60 -2.23 22.54 -12.17
CA ILE F 60 -2.10 22.05 -10.81
C ILE F 60 -0.69 22.29 -10.30
N LEU F 61 0.29 21.90 -11.11
CA LEU F 61 1.70 22.07 -10.76
C LEU F 61 2.10 23.55 -10.68
N THR F 62 1.44 24.39 -11.46
CA THR F 62 1.70 25.82 -11.43
C THR F 62 1.26 26.40 -10.09
N ARG F 63 0.12 25.93 -9.60
CA ARG F 63 -0.38 26.34 -8.29
C ARG F 63 0.50 25.79 -7.17
N VAL F 64 1.11 24.64 -7.41
CA VAL F 64 2.09 24.09 -6.48
C VAL F 64 3.29 25.02 -6.38
N ASN F 65 3.69 25.58 -7.52
CA ASN F 65 4.81 26.52 -7.55
C ASN F 65 4.57 27.75 -6.68
N ARG F 66 3.39 28.33 -6.77
CA ARG F 66 3.09 29.55 -6.02
C ARG F 66 2.92 29.27 -4.52
N LYS F 67 2.43 28.08 -4.20
CA LYS F 67 2.25 27.71 -2.80
C LYS F 67 3.60 27.59 -2.11
N VAL F 68 4.51 26.85 -2.73
CA VAL F 68 5.86 26.70 -2.20
C VAL F 68 6.57 28.05 -2.16
N ALA F 69 6.31 28.88 -3.16
CA ALA F 69 6.99 30.16 -3.30
C ALA F 69 6.49 31.22 -2.33
N THR F 70 5.20 31.19 -2.02
CA THR F 70 4.59 32.26 -1.22
C THR F 70 4.33 31.88 0.24
N GLU F 71 4.10 30.61 0.50
CA GLU F 71 3.66 30.19 1.83
C GLU F 71 4.77 29.57 2.68
N PHE F 72 5.94 29.35 2.09
CA PHE F 72 7.03 28.72 2.82
C PHE F 72 8.28 29.59 2.92
N GLU F 73 8.86 29.60 4.12
CA GLU F 73 10.14 30.25 4.35
C GLU F 73 10.86 29.46 5.43
N SER F 74 12.15 29.22 5.25
CA SER F 74 12.87 28.31 6.13
C SER F 74 13.08 28.91 7.52
N PHE F 75 12.99 28.06 8.53
CA PHE F 75 13.33 28.45 9.89
C PHE F 75 14.48 27.60 10.40
N SER F 76 15.58 28.26 10.76
CA SER F 76 16.76 27.56 11.23
C SER F 76 17.52 28.36 12.26
N PHE F 77 18.10 27.66 13.25
CA PHE F 77 18.97 28.29 14.23
C PHE F 77 20.28 28.68 13.56
N ASP F 78 20.61 27.96 12.49
CA ASP F 78 21.77 28.29 11.67
C ASP F 78 21.41 29.47 10.78
N ALA F 79 22.05 30.62 11.01
CA ALA F 79 21.74 31.85 10.30
C ALA F 79 21.98 31.74 8.80
N THR F 80 22.91 30.88 8.40
CA THR F 80 23.21 30.67 6.99
C THR F 80 22.03 30.04 6.25
N PHE F 81 21.22 29.26 6.97
CA PHE F 81 20.12 28.52 6.37
C PHE F 81 18.75 29.07 6.75
N HIS F 82 18.73 30.25 7.36
CA HIS F 82 17.49 30.83 7.84
C HIS F 82 16.88 31.82 6.86
N ALA F 83 15.55 31.84 6.80
CA ALA F 83 14.79 32.79 5.99
C ALA F 83 15.05 32.60 4.50
N LYS F 84 15.18 31.35 4.07
CA LYS F 84 15.41 31.05 2.66
C LYS F 84 14.13 30.61 1.99
N LYS F 85 14.08 30.76 0.66
CA LYS F 85 12.87 30.47 -0.09
C LYS F 85 13.12 29.34 -1.08
N GLN F 86 12.07 28.90 -1.76
CA GLN F 86 12.18 27.79 -2.70
C GLN F 86 11.14 27.88 -3.81
N ILE F 87 11.58 27.69 -5.05
CA ILE F 87 10.68 27.60 -6.19
C ILE F 87 10.85 26.24 -6.86
N PRO F 88 9.74 25.52 -7.07
CA PRO F 88 9.82 24.23 -7.78
C PRO F 88 10.11 24.43 -9.26
N CYS F 89 10.39 23.35 -9.96
CA CYS F 89 10.80 23.43 -11.36
C CYS F 89 10.12 22.36 -12.19
N ILE F 90 9.12 22.77 -12.98
CA ILE F 90 8.38 21.85 -13.83
C ILE F 90 9.09 21.66 -15.17
N VAL F 91 9.48 20.43 -15.48
CA VAL F 91 10.16 20.13 -16.74
C VAL F 91 9.30 19.18 -17.57
N SER F 92 8.66 19.71 -18.60
CA SER F 92 7.69 18.93 -19.37
C SER F 92 8.13 18.60 -20.79
N MET F 93 8.21 17.31 -21.08
CA MET F 93 8.38 16.83 -22.45
C MET F 93 7.09 16.14 -22.88
N LEU F 94 5.98 16.59 -22.31
CA LEU F 94 4.68 16.01 -22.62
C LEU F 94 4.16 16.56 -23.94
N THR F 95 3.35 15.78 -24.63
CA THR F 95 2.85 16.18 -25.94
C THR F 95 1.35 16.42 -25.92
N LYS F 96 0.72 16.08 -24.81
CA LYS F 96 -0.72 16.31 -24.64
C LYS F 96 -1.04 16.85 -23.26
N GLU F 97 -2.28 17.29 -23.08
CA GLU F 97 -2.75 17.75 -21.78
C GLU F 97 -3.09 16.56 -20.89
N LEU F 98 -2.91 16.72 -19.58
CA LEU F 98 -3.15 15.63 -18.65
C LEU F 98 -4.27 15.94 -17.65
N TYR F 99 -5.30 15.13 -17.68
CA TYR F 99 -6.41 15.26 -16.73
C TYR F 99 -6.63 13.95 -15.99
N PHE F 100 -6.95 14.04 -14.70
CA PHE F 100 -7.18 12.86 -13.88
C PHE F 100 -8.66 12.50 -13.81
N TYR F 101 -9.41 12.86 -14.84
CA TYR F 101 -10.83 12.54 -14.90
C TYR F 101 -11.30 12.42 -16.34
N SER G 36 -3.72 33.68 -12.06
CA SER G 36 -3.26 34.08 -13.39
C SER G 36 -2.48 35.40 -13.34
N TYR G 37 -1.48 35.53 -14.19
CA TYR G 37 -0.70 36.76 -14.30
C TYR G 37 -1.48 37.97 -14.78
N LYS G 38 -1.26 39.11 -14.12
CA LYS G 38 -1.83 40.38 -14.53
C LYS G 38 -1.23 40.82 -15.86
N MET G 39 -2.02 40.79 -16.92
CA MET G 39 -1.50 41.10 -18.25
C MET G 39 -2.14 42.36 -18.85
N ASP G 40 -2.72 43.20 -18.01
CA ASP G 40 -3.34 44.42 -18.51
C ASP G 40 -2.61 45.68 -18.06
N TYR G 41 -1.29 45.59 -17.95
CA TYR G 41 -0.45 46.78 -17.82
C TYR G 41 -0.53 47.56 -19.13
N PRO G 42 -0.12 48.84 -19.11
CA PRO G 42 -0.10 49.64 -20.34
C PRO G 42 0.59 48.92 -21.51
N GLU G 43 1.72 48.29 -21.25
CA GLU G 43 2.41 47.52 -22.27
C GLU G 43 2.42 46.04 -21.94
N MET G 44 2.55 45.21 -22.97
CA MET G 44 2.70 43.77 -22.79
C MET G 44 4.13 43.47 -22.34
N GLY G 45 5.07 44.30 -22.81
CA GLY G 45 6.46 44.15 -22.45
C GLY G 45 7.39 44.16 -23.65
N LEU G 46 8.69 44.00 -23.38
CA LEU G 46 9.68 43.93 -24.44
C LEU G 46 9.78 42.52 -24.99
N CYS G 47 10.18 42.41 -26.26
CA CYS G 47 10.54 41.12 -26.83
C CYS G 47 11.92 41.23 -27.49
N ILE G 48 12.94 40.72 -26.80
CA ILE G 48 14.30 40.81 -27.30
C ILE G 48 14.68 39.56 -28.09
N ILE G 49 14.87 39.74 -29.39
CA ILE G 49 15.25 38.64 -30.26
C ILE G 49 16.72 38.77 -30.69
N ILE G 50 17.54 37.83 -30.25
CA ILE G 50 18.94 37.82 -30.63
C ILE G 50 19.18 36.75 -31.68
N ASN G 51 19.41 37.19 -32.91
CA ASN G 51 19.53 36.28 -34.05
C ASN G 51 20.97 36.20 -34.54
N ASN G 52 21.68 35.16 -34.09
CA ASN G 52 23.07 34.97 -34.51
C ASN G 52 23.15 33.98 -35.66
N LYS G 53 23.58 34.49 -36.82
CA LYS G 53 23.62 33.69 -38.03
C LYS G 53 25.06 33.41 -38.46
N ASN G 54 25.93 34.40 -38.31
CA ASN G 54 27.30 34.29 -38.76
C ASN G 54 28.29 34.35 -37.62
N PHE G 55 29.25 33.44 -37.60
CA PHE G 55 30.19 33.35 -36.50
C PHE G 55 31.64 33.52 -36.98
N HIS G 56 32.47 34.06 -36.10
CA HIS G 56 33.88 34.31 -36.41
C HIS G 56 34.64 33.00 -36.64
N LYS G 57 35.64 33.06 -37.53
CA LYS G 57 36.38 31.87 -37.94
C LYS G 57 37.10 31.22 -36.76
N SER G 58 37.38 32.00 -35.73
CA SER G 58 38.05 31.49 -34.53
C SER G 58 37.16 30.48 -33.82
N THR G 59 35.85 30.59 -34.07
CA THR G 59 34.88 29.69 -33.46
C THR G 59 34.71 28.42 -34.30
N GLY G 60 35.00 28.54 -35.60
CA GLY G 60 34.91 27.42 -36.51
C GLY G 60 33.48 26.97 -36.74
N MET G 61 32.54 27.73 -36.21
CA MET G 61 31.12 27.38 -36.30
C MET G 61 30.51 27.84 -37.61
N THR G 62 29.65 27.00 -38.14
CA THR G 62 29.03 27.25 -39.44
C THR G 62 27.84 28.21 -39.34
N SER G 63 27.57 28.89 -40.44
CA SER G 63 26.42 29.79 -40.53
C SER G 63 25.12 29.03 -40.34
N ARG G 64 24.21 29.63 -39.59
CA ARG G 64 22.95 29.00 -39.24
C ARG G 64 21.87 29.35 -40.25
N SER G 65 21.97 28.76 -41.44
CA SER G 65 21.04 29.02 -42.53
C SER G 65 19.60 28.73 -42.12
N GLY G 66 18.71 29.68 -42.38
CA GLY G 66 17.31 29.51 -42.06
C GLY G 66 16.87 30.29 -40.85
N THR G 67 17.84 30.82 -40.11
CA THR G 67 17.55 31.52 -38.87
C THR G 67 16.89 32.88 -39.09
N ASP G 68 17.08 33.45 -40.28
CA ASP G 68 16.45 34.72 -40.62
C ASP G 68 14.95 34.51 -40.77
N VAL G 69 14.57 33.36 -41.32
CA VAL G 69 13.17 32.97 -41.40
C VAL G 69 12.56 32.89 -40.01
N ASP G 70 13.32 32.32 -39.07
CA ASP G 70 12.91 32.26 -37.68
C ASP G 70 12.74 33.65 -37.08
N ALA G 71 13.78 34.46 -37.20
CA ALA G 71 13.79 35.79 -36.59
C ALA G 71 12.67 36.68 -37.11
N ALA G 72 12.34 36.52 -38.39
CA ALA G 72 11.27 37.31 -38.99
C ALA G 72 9.90 36.80 -38.57
N ASN G 73 9.78 35.49 -38.43
CA ASN G 73 8.52 34.88 -38.02
C ASN G 73 8.18 35.23 -36.57
N LEU G 74 9.20 35.24 -35.72
CA LEU G 74 9.05 35.66 -34.33
C LEU G 74 8.63 37.13 -34.25
N ARG G 75 9.27 37.96 -35.07
CA ARG G 75 9.01 39.39 -35.09
C ARG G 75 7.55 39.71 -35.39
N GLU G 76 6.98 39.02 -36.37
CA GLU G 76 5.58 39.23 -36.74
C GLU G 76 4.64 38.66 -35.70
N THR G 77 4.98 37.48 -35.20
CA THR G 77 4.15 36.78 -34.21
C THR G 77 3.96 37.61 -32.94
N PHE G 78 5.06 38.13 -32.41
CA PHE G 78 5.01 38.88 -31.16
C PHE G 78 4.58 40.32 -31.37
N ARG G 79 4.68 40.80 -32.61
CA ARG G 79 4.13 42.12 -32.95
C ARG G 79 2.62 42.06 -32.81
N ASN G 80 2.04 40.94 -33.24
CA ASN G 80 0.60 40.74 -33.17
C ASN G 80 0.14 40.51 -31.73
N LEU G 81 1.08 40.15 -30.86
CA LEU G 81 0.80 39.97 -29.44
C LEU G 81 1.01 41.25 -28.64
N LYS G 82 1.25 42.35 -29.35
CA LYS G 82 1.39 43.70 -28.78
C LYS G 82 2.69 43.85 -27.96
N TYR G 83 3.74 43.15 -28.37
CA TYR G 83 5.04 43.32 -27.72
C TYR G 83 5.92 44.34 -28.44
N GLU G 84 6.77 45.03 -27.70
CA GLU G 84 7.76 45.91 -28.28
C GLU G 84 8.96 45.08 -28.70
N VAL G 85 8.96 44.62 -29.95
CA VAL G 85 9.98 43.71 -30.44
C VAL G 85 11.25 44.47 -30.83
N ARG G 86 12.40 43.92 -30.41
CA ARG G 86 13.70 44.47 -30.79
C ARG G 86 14.55 43.36 -31.37
N ASN G 87 14.80 43.42 -32.67
CA ASN G 87 15.61 42.40 -33.33
C ASN G 87 17.09 42.76 -33.29
N LYS G 88 17.90 41.81 -32.85
CA LYS G 88 19.35 41.98 -32.82
C LYS G 88 20.00 40.89 -33.64
N ASN G 89 20.95 41.28 -34.49
CA ASN G 89 21.60 40.33 -35.37
C ASN G 89 23.10 40.25 -35.14
N ASP G 90 23.61 39.03 -35.07
CA ASP G 90 25.03 38.75 -34.95
C ASP G 90 25.72 39.54 -33.83
N LEU G 91 25.32 39.26 -32.59
CA LEU G 91 25.95 39.90 -31.43
C LEU G 91 27.10 39.07 -30.90
N THR G 92 28.18 39.73 -30.51
CA THR G 92 29.30 39.05 -29.87
C THR G 92 28.91 38.67 -28.45
N ARG G 93 29.73 37.84 -27.80
CA ARG G 93 29.47 37.44 -26.43
C ARG G 93 29.38 38.65 -25.50
N GLU G 94 30.23 39.65 -25.74
CA GLU G 94 30.24 40.87 -24.95
C GLU G 94 29.00 41.71 -25.22
N GLU G 95 28.58 41.76 -26.48
CA GLU G 95 27.42 42.55 -26.87
C GLU G 95 26.12 42.01 -26.28
N ILE G 96 26.01 40.69 -26.25
CA ILE G 96 24.83 40.05 -25.67
C ILE G 96 24.70 40.39 -24.19
N VAL G 97 25.79 40.21 -23.45
CA VAL G 97 25.84 40.51 -22.03
C VAL G 97 25.48 41.96 -21.75
N GLU G 98 26.10 42.88 -22.47
CA GLU G 98 25.86 44.30 -22.25
C GLU G 98 24.43 44.68 -22.63
N LEU G 99 23.87 44.00 -23.62
CA LEU G 99 22.50 44.24 -24.03
C LEU G 99 21.51 43.82 -22.95
N MET G 100 21.62 42.57 -22.52
CA MET G 100 20.75 42.01 -21.51
C MET G 100 20.84 42.77 -20.19
N ARG G 101 22.05 43.24 -19.86
CA ARG G 101 22.23 44.04 -18.66
C ARG G 101 21.50 45.37 -18.78
N ASP G 102 21.70 46.07 -19.89
CA ASP G 102 21.04 47.36 -20.12
C ASP G 102 19.52 47.22 -20.17
N VAL G 103 19.04 46.15 -20.80
CA VAL G 103 17.61 45.89 -20.89
C VAL G 103 17.03 45.61 -19.51
N SER G 104 17.80 44.89 -18.70
CA SER G 104 17.37 44.56 -17.34
C SER G 104 17.33 45.81 -16.47
N LYS G 105 18.09 46.84 -16.88
CA LYS G 105 18.15 48.09 -16.15
C LYS G 105 17.15 49.11 -16.70
N GLU G 106 16.30 48.67 -17.62
CA GLU G 106 15.20 49.50 -18.08
C GLU G 106 14.08 49.52 -17.04
N ASP G 107 13.10 50.38 -17.26
CA ASP G 107 11.98 50.49 -16.33
C ASP G 107 10.78 49.74 -16.89
N HIS G 108 10.58 48.52 -16.39
CA HIS G 108 9.53 47.64 -16.89
C HIS G 108 8.23 47.82 -16.11
N SER G 109 8.13 48.93 -15.39
CA SER G 109 7.00 49.20 -14.51
C SER G 109 5.65 49.19 -15.23
N LYS G 110 5.64 49.61 -16.49
CA LYS G 110 4.40 49.64 -17.27
C LYS G 110 4.33 48.46 -18.21
N ARG G 111 5.13 47.44 -17.94
CA ARG G 111 5.13 46.24 -18.77
C ARG G 111 4.61 45.02 -18.01
N SER G 112 3.82 44.21 -18.69
CA SER G 112 3.21 43.03 -18.07
C SER G 112 4.23 41.92 -17.92
N SER G 113 5.13 41.81 -18.89
CA SER G 113 6.08 40.70 -18.92
C SER G 113 7.37 41.06 -19.64
N PHE G 114 8.23 40.06 -19.80
CA PHE G 114 9.46 40.20 -20.56
C PHE G 114 9.75 38.93 -21.33
N VAL G 115 10.04 39.08 -22.63
CA VAL G 115 10.34 37.94 -23.46
C VAL G 115 11.71 38.10 -24.12
N CYS G 116 12.54 37.08 -23.98
CA CYS G 116 13.82 37.06 -24.66
C CYS G 116 13.95 35.80 -25.52
N VAL G 117 14.27 36.00 -26.80
CA VAL G 117 14.43 34.87 -27.70
C VAL G 117 15.88 34.77 -28.15
N LEU G 118 16.47 33.59 -27.97
CA LEU G 118 17.87 33.36 -28.33
C LEU G 118 17.98 32.37 -29.48
N LEU G 119 18.51 32.85 -30.61
CA LEU G 119 18.69 32.02 -31.79
C LEU G 119 20.16 31.92 -32.17
N SER G 120 20.80 30.82 -31.79
CA SER G 120 22.22 30.62 -32.07
C SER G 120 22.65 29.18 -31.85
N HIS G 121 23.96 28.95 -31.94
CA HIS G 121 24.52 27.65 -31.58
C HIS G 121 24.54 27.58 -30.06
N GLY G 122 24.55 26.37 -29.52
CA GLY G 122 24.56 26.24 -28.08
C GLY G 122 25.14 24.97 -27.50
N GLU G 123 25.17 24.93 -26.18
CA GLU G 123 25.58 23.77 -25.42
C GLU G 123 24.65 23.71 -24.21
N GLU G 124 24.81 22.72 -23.35
CA GLU G 124 24.00 22.65 -22.14
C GLU G 124 24.26 23.87 -21.29
N GLY G 125 23.26 24.72 -21.14
CA GLY G 125 23.37 25.92 -20.33
C GLY G 125 24.15 27.05 -21.01
N ILE G 126 24.49 26.87 -22.28
CA ILE G 126 25.31 27.84 -22.99
C ILE G 126 24.68 28.29 -24.31
N ILE G 127 24.68 29.60 -24.54
CA ILE G 127 24.30 30.17 -25.82
C ILE G 127 25.53 30.84 -26.43
N PHE G 128 25.65 30.79 -27.75
CA PHE G 128 26.84 31.30 -28.40
C PHE G 128 26.67 32.68 -29.01
N GLY G 129 27.55 33.59 -28.64
CA GLY G 129 27.68 34.86 -29.34
C GLY G 129 28.56 34.58 -30.54
N THR G 130 28.61 35.53 -31.48
CA THR G 130 29.36 35.34 -32.71
C THR G 130 30.84 35.01 -32.49
N ASN G 131 31.37 35.38 -31.34
CA ASN G 131 32.80 35.19 -31.06
C ASN G 131 33.08 34.22 -29.93
N GLY G 132 32.04 33.62 -29.36
CA GLY G 132 32.24 32.70 -28.26
C GLY G 132 31.00 32.43 -27.40
N PRO G 133 31.16 31.56 -26.39
CA PRO G 133 30.08 31.06 -25.53
C PRO G 133 29.63 32.06 -24.47
N VAL G 134 28.35 32.01 -24.13
CA VAL G 134 27.80 32.79 -23.03
C VAL G 134 26.96 31.89 -22.11
N ASP G 135 27.20 31.98 -20.81
CA ASP G 135 26.38 31.27 -19.84
C ASP G 135 24.95 31.80 -19.87
N LEU G 136 23.99 30.90 -20.03
CA LEU G 136 22.58 31.26 -20.00
C LEU G 136 22.20 31.87 -18.66
N LYS G 137 22.81 31.33 -17.60
CA LYS G 137 22.56 31.83 -16.25
C LYS G 137 22.92 33.29 -16.13
N LYS G 138 24.07 33.66 -16.72
CA LYS G 138 24.54 35.04 -16.67
C LYS G 138 23.51 35.97 -17.32
N ILE G 139 22.91 35.53 -18.41
CA ILE G 139 21.88 36.29 -19.10
C ILE G 139 20.63 36.40 -18.23
N THR G 140 20.19 35.28 -17.69
CA THR G 140 18.97 35.23 -16.89
C THR G 140 19.13 35.89 -15.53
N ASN G 141 20.34 35.87 -14.98
CA ASN G 141 20.59 36.44 -13.66
C ASN G 141 20.33 37.94 -13.60
N PHE G 142 20.43 38.61 -14.75
CA PHE G 142 20.14 40.03 -14.84
C PHE G 142 18.69 40.33 -14.48
N PHE G 143 17.83 39.34 -14.71
CA PHE G 143 16.40 39.53 -14.58
C PHE G 143 15.82 38.85 -13.35
N ARG G 144 16.70 38.44 -12.43
CA ARG G 144 16.25 37.85 -11.18
C ARG G 144 15.37 38.85 -10.44
N GLY G 145 14.41 38.32 -9.66
CA GLY G 145 13.45 39.13 -8.93
C GLY G 145 14.06 40.26 -8.11
N ASP G 146 15.27 40.02 -7.60
CA ASP G 146 15.94 40.98 -6.74
C ASP G 146 16.90 41.90 -7.50
N ARG G 147 17.18 41.55 -8.74
CA ARG G 147 18.11 42.33 -9.55
C ARG G 147 17.38 43.19 -10.58
N CYS G 148 16.18 42.78 -10.95
CA CYS G 148 15.33 43.56 -11.85
C CYS G 148 13.99 43.78 -11.19
N ARG G 149 13.94 44.74 -10.28
CA ARG G 149 12.79 44.98 -9.42
C ARG G 149 11.50 45.27 -10.18
N SER G 150 11.61 45.88 -11.35
CA SER G 150 10.44 46.28 -12.13
C SER G 150 9.83 45.10 -12.87
N LEU G 151 10.44 43.92 -12.74
CA LEU G 151 9.92 42.70 -13.35
C LEU G 151 9.56 41.66 -12.29
N THR G 152 9.82 41.99 -11.03
CA THR G 152 9.48 41.11 -9.92
C THR G 152 7.98 40.81 -9.89
N GLY G 153 7.64 39.53 -9.90
CA GLY G 153 6.25 39.12 -9.88
C GLY G 153 5.66 39.05 -11.27
N LYS G 154 6.46 39.40 -12.27
CA LYS G 154 6.03 39.34 -13.67
C LYS G 154 6.74 38.20 -14.40
N PRO G 155 6.03 37.58 -15.35
CA PRO G 155 6.59 36.43 -16.08
C PRO G 155 7.76 36.81 -16.99
N LYS G 156 8.87 36.12 -16.82
CA LYS G 156 10.06 36.34 -17.63
C LYS G 156 10.32 35.13 -18.50
N LEU G 157 10.00 35.25 -19.79
CA LEU G 157 10.03 34.12 -20.70
C LEU G 157 11.29 34.10 -21.55
N PHE G 158 12.01 32.97 -21.52
CA PHE G 158 13.20 32.81 -22.34
C PHE G 158 13.03 31.66 -23.32
N ILE G 159 12.96 32.00 -24.61
CA ILE G 159 12.78 31.02 -25.66
C ILE G 159 14.13 30.76 -26.33
N ILE G 160 14.65 29.55 -26.17
CA ILE G 160 15.99 29.24 -26.64
C ILE G 160 16.01 28.20 -27.75
N GLN G 161 16.50 28.59 -28.91
CA GLN G 161 16.71 27.67 -30.03
C GLN G 161 18.20 27.45 -30.19
N ALA G 162 18.69 26.37 -29.57
CA ALA G 162 20.11 26.02 -29.61
C ALA G 162 20.31 24.59 -29.15
N CYS G 163 21.47 24.03 -29.46
CA CYS G 163 21.80 22.69 -29.01
C CYS G 163 21.99 22.67 -27.51
N ARG G 164 21.83 21.50 -26.90
CA ARG G 164 22.04 21.35 -25.47
C ARG G 164 22.97 20.17 -25.20
N GLY G 165 23.72 19.78 -26.23
CA GLY G 165 24.58 18.62 -26.16
C GLY G 165 24.66 17.95 -27.52
N THR G 166 25.16 16.71 -27.57
CA THR G 166 25.39 16.06 -28.85
C THR G 166 24.73 14.69 -29.02
N GLU G 167 23.64 14.44 -28.32
CA GLU G 167 22.91 13.20 -28.53
C GLU G 167 21.74 13.34 -29.50
N LEU G 168 21.46 12.24 -30.19
CA LEU G 168 20.43 12.19 -31.22
C LEU G 168 19.28 11.29 -30.79
N ASP G 169 18.06 11.78 -30.97
CA ASP G 169 16.88 10.99 -30.65
C ASP G 169 16.52 10.17 -31.89
N CYS G 170 16.69 8.86 -31.79
CA CYS G 170 16.47 7.98 -32.92
C CYS G 170 14.98 7.71 -33.07
N GLY G 171 14.22 8.11 -32.06
CA GLY G 171 12.78 8.03 -32.11
C GLY G 171 12.24 6.62 -31.97
N ILE G 172 10.92 6.51 -31.96
CA ILE G 172 10.28 5.20 -31.88
C ILE G 172 8.93 5.25 -32.58
N GLU G 173 8.61 4.18 -33.29
CA GLU G 173 7.39 4.06 -34.07
C GLU G 173 6.16 3.80 -33.19
N THR G 174 5.00 4.22 -33.67
CA THR G 174 3.75 4.03 -32.93
C THR G 174 2.64 3.53 -33.86
N HIS H 10 7.14 38.55 3.97
CA HIS H 10 6.49 38.06 2.74
C HIS H 10 7.40 38.20 1.54
N LYS H 11 8.05 37.09 1.19
CA LYS H 11 9.05 37.07 0.14
C LYS H 11 8.68 36.07 -0.95
N ILE H 12 9.27 36.24 -2.12
CA ILE H 12 9.16 35.23 -3.18
C ILE H 12 10.56 34.91 -3.66
N PRO H 13 10.76 33.69 -4.20
CA PRO H 13 12.09 33.31 -4.69
C PRO H 13 12.57 34.22 -5.82
N VAL H 14 13.86 34.48 -5.86
CA VAL H 14 14.44 35.33 -6.89
C VAL H 14 14.50 34.58 -8.22
N GLU H 15 14.29 33.27 -8.16
CA GLU H 15 14.29 32.43 -9.35
C GLU H 15 12.88 32.14 -9.82
N ALA H 16 11.90 32.69 -9.13
CA ALA H 16 10.50 32.48 -9.46
C ALA H 16 10.09 33.31 -10.67
N ASP H 17 9.00 32.90 -11.32
CA ASP H 17 8.41 33.62 -12.44
C ASP H 17 9.30 33.62 -13.68
N PHE H 18 10.15 32.61 -13.78
CA PHE H 18 10.92 32.38 -15.00
C PHE H 18 10.29 31.25 -15.81
N LEU H 19 10.32 31.40 -17.14
CA LEU H 19 9.93 30.32 -18.04
C LEU H 19 11.01 30.12 -19.08
N TYR H 20 11.52 28.90 -19.18
CA TYR H 20 12.53 28.57 -20.17
C TYR H 20 11.98 27.59 -21.18
N ALA H 21 11.70 28.09 -22.38
CA ALA H 21 11.21 27.25 -23.46
C ALA H 21 12.38 26.77 -24.32
N TYR H 22 12.87 25.57 -24.03
CA TYR H 22 13.99 25.01 -24.78
C TYR H 22 13.50 24.31 -26.05
N SER H 23 14.28 24.44 -27.11
CA SER H 23 13.93 23.84 -28.38
C SER H 23 14.07 22.32 -28.34
N THR H 24 14.88 21.83 -27.42
CA THR H 24 15.23 20.42 -27.36
C THR H 24 15.46 19.96 -25.93
N ALA H 25 15.45 18.64 -25.75
CA ALA H 25 15.68 18.03 -24.44
C ALA H 25 17.13 18.22 -24.00
N PRO H 26 17.40 18.14 -22.69
CA PRO H 26 18.76 18.27 -22.17
C PRO H 26 19.72 17.24 -22.75
N GLY H 27 20.87 17.69 -23.24
CA GLY H 27 21.89 16.79 -23.76
C GLY H 27 21.74 16.49 -25.24
N TYR H 28 20.64 16.96 -25.84
CA TYR H 28 20.30 16.61 -27.21
C TYR H 28 20.56 17.73 -28.22
N TYR H 29 20.75 17.33 -29.47
CA TYR H 29 20.84 18.26 -30.58
C TYR H 29 19.52 19.02 -30.78
N SER H 30 19.60 20.18 -31.41
CA SER H 30 18.41 20.92 -31.83
C SER H 30 18.45 21.06 -33.35
N TRP H 31 17.29 20.92 -33.99
CA TRP H 31 17.27 20.84 -35.45
C TRP H 31 16.75 22.11 -36.14
N ARG H 32 17.32 22.39 -37.30
CA ARG H 32 16.97 23.56 -38.08
C ARG H 32 16.97 23.23 -39.57
N ASN H 33 15.93 23.66 -40.26
CA ASN H 33 15.83 23.50 -41.70
C ASN H 33 16.35 24.75 -42.41
N SER H 34 17.27 24.55 -43.35
CA SER H 34 17.97 25.66 -44.00
C SER H 34 17.06 26.65 -44.72
N LYS H 35 15.90 26.19 -45.16
CA LYS H 35 14.96 27.05 -45.89
C LYS H 35 13.71 27.38 -45.06
N ASP H 36 13.22 26.40 -44.28
CA ASP H 36 11.99 26.60 -43.52
C ASP H 36 12.24 27.26 -42.17
N GLY H 37 13.46 27.13 -41.68
CA GLY H 37 13.79 27.60 -40.35
C GLY H 37 13.80 26.43 -39.37
N SER H 38 14.05 26.70 -38.10
CA SER H 38 14.13 25.64 -37.11
C SER H 38 12.77 25.07 -36.77
N TRP H 39 12.74 23.78 -36.43
CA TRP H 39 11.51 23.06 -36.13
C TRP H 39 10.73 23.70 -35.00
N PHE H 40 11.45 24.05 -33.93
CA PHE H 40 10.84 24.58 -32.72
C PHE H 40 10.22 25.97 -32.94
N ILE H 41 10.98 26.87 -33.53
CA ILE H 41 10.50 28.24 -33.74
C ILE H 41 9.36 28.28 -34.75
N GLN H 42 9.45 27.46 -35.79
CA GLN H 42 8.35 27.27 -36.72
C GLN H 42 7.05 26.93 -35.98
N SER H 43 7.10 25.87 -35.19
CA SER H 43 5.94 25.37 -34.48
C SER H 43 5.47 26.36 -33.42
N LEU H 44 6.41 26.99 -32.72
CA LEU H 44 6.10 27.97 -31.70
C LEU H 44 5.29 29.12 -32.26
N CYS H 45 5.74 29.67 -33.37
CA CYS H 45 5.07 30.78 -34.03
C CYS H 45 3.70 30.33 -34.56
N ALA H 46 3.67 29.12 -35.11
CA ALA H 46 2.43 28.54 -35.63
C ALA H 46 1.38 28.40 -34.52
N MET H 47 1.78 27.80 -33.40
CA MET H 47 0.86 27.58 -32.30
C MET H 47 0.44 28.88 -31.62
N LEU H 48 1.37 29.83 -31.55
CA LEU H 48 1.05 31.15 -31.02
C LEU H 48 0.00 31.84 -31.88
N LYS H 49 0.21 31.81 -33.19
CA LYS H 49 -0.73 32.40 -34.14
C LYS H 49 -2.12 31.81 -34.00
N GLN H 50 -2.18 30.50 -33.76
CA GLN H 50 -3.44 29.78 -33.72
C GLN H 50 -4.15 29.84 -32.36
N TYR H 51 -3.39 29.86 -31.28
CA TYR H 51 -3.97 29.61 -29.95
C TYR H 51 -3.75 30.69 -28.89
N ALA H 52 -3.01 31.75 -29.22
CA ALA H 52 -2.68 32.78 -28.23
C ALA H 52 -3.92 33.47 -27.64
N ASP H 53 -5.04 33.37 -28.34
CA ASP H 53 -6.28 33.98 -27.88
C ASP H 53 -7.25 32.91 -27.39
N LYS H 54 -6.74 31.69 -27.22
CA LYS H 54 -7.59 30.58 -26.81
C LYS H 54 -7.02 29.80 -25.62
N LEU H 55 -5.70 29.71 -25.56
CA LEU H 55 -5.05 28.83 -24.59
C LEU H 55 -4.10 29.54 -23.63
N GLU H 56 -3.89 28.91 -22.48
CA GLU H 56 -2.86 29.33 -21.54
C GLU H 56 -1.52 28.95 -22.14
N PHE H 57 -0.47 29.69 -21.81
CA PHE H 57 0.82 29.55 -22.49
C PHE H 57 1.42 28.15 -22.41
N MET H 58 1.21 27.45 -21.29
CA MET H 58 1.77 26.11 -21.12
C MET H 58 1.11 25.12 -22.05
N HIS H 59 -0.19 25.30 -22.30
CA HIS H 59 -0.92 24.44 -23.21
C HIS H 59 -0.56 24.71 -24.66
N ILE H 60 -0.25 25.97 -24.95
CA ILE H 60 0.27 26.34 -26.27
C ILE H 60 1.61 25.66 -26.49
N LEU H 61 2.48 25.74 -25.49
CA LEU H 61 3.80 25.12 -25.56
C LEU H 61 3.71 23.60 -25.62
N THR H 62 2.68 23.04 -25.00
CA THR H 62 2.45 21.60 -25.05
C THR H 62 2.08 21.18 -26.47
N ARG H 63 1.27 21.99 -27.13
CA ARG H 63 0.91 21.74 -28.52
C ARG H 63 2.11 21.94 -29.44
N VAL H 64 3.02 22.83 -29.04
CA VAL H 64 4.28 23.00 -29.74
C VAL H 64 5.09 21.72 -29.66
N ASN H 65 5.07 21.09 -28.47
CA ASN H 65 5.79 19.84 -28.25
C ASN H 65 5.34 18.72 -29.19
N ARG H 66 4.03 18.54 -29.33
CA ARG H 66 3.53 17.45 -30.16
C ARG H 66 3.75 17.73 -31.65
N LYS H 67 3.75 19.01 -32.04
CA LYS H 67 4.01 19.35 -33.43
C LYS H 67 5.45 18.99 -33.81
N VAL H 68 6.39 19.42 -33.01
CA VAL H 68 7.80 19.11 -33.24
C VAL H 68 8.04 17.60 -33.18
N ALA H 69 7.33 16.93 -32.27
CA ALA H 69 7.52 15.51 -32.04
C ALA H 69 6.92 14.64 -33.13
N THR H 70 5.79 15.07 -33.70
CA THR H 70 5.05 14.23 -34.63
C THR H 70 5.24 14.59 -36.11
N GLU H 71 5.50 15.86 -36.39
CA GLU H 71 5.51 16.33 -37.78
C GLU H 71 6.91 16.49 -38.36
N PHE H 72 7.94 16.32 -37.54
CA PHE H 72 9.30 16.49 -38.03
C PHE H 72 10.15 15.24 -37.89
N GLU H 73 10.92 14.96 -38.93
CA GLU H 73 11.92 13.90 -38.91
C GLU H 73 13.07 14.33 -39.78
N SER H 74 14.29 14.11 -39.32
CA SER H 74 15.47 14.66 -39.98
C SER H 74 15.77 13.97 -41.30
N PHE H 75 16.22 14.76 -42.28
CA PHE H 75 16.72 14.22 -43.53
C PHE H 75 18.17 14.67 -43.68
N SER H 76 19.08 13.71 -43.82
CA SER H 76 20.49 14.04 -43.89
C SER H 76 21.24 13.11 -44.83
N PHE H 77 22.22 13.66 -45.55
CA PHE H 77 23.09 12.86 -46.39
C PHE H 77 24.00 12.03 -45.50
N ASP H 78 24.28 12.56 -44.32
CA ASP H 78 25.03 11.84 -43.30
C ASP H 78 24.10 10.85 -42.61
N ALA H 79 24.37 9.56 -42.80
CA ALA H 79 23.50 8.50 -42.28
C ALA H 79 23.40 8.55 -40.76
N THR H 80 24.43 9.08 -40.11
CA THR H 80 24.46 9.21 -38.66
C THR H 80 23.38 10.17 -38.18
N PHE H 81 23.03 11.14 -39.03
CA PHE H 81 22.10 12.20 -38.64
C PHE H 81 20.75 12.11 -39.35
N HIS H 82 20.48 10.99 -40.00
CA HIS H 82 19.25 10.86 -40.77
C HIS H 82 18.16 10.16 -39.98
N ALA H 83 16.92 10.60 -40.19
CA ALA H 83 15.73 10.02 -39.58
C ALA H 83 15.74 10.17 -38.06
N LYS H 84 16.19 11.32 -37.59
CA LYS H 84 16.24 11.59 -36.16
C LYS H 84 15.07 12.47 -35.72
N LYS H 85 14.74 12.40 -34.44
CA LYS H 85 13.58 13.11 -33.91
C LYS H 85 14.00 14.17 -32.89
N GLN H 86 13.03 14.96 -32.43
CA GLN H 86 13.30 16.03 -31.49
C GLN H 86 12.08 16.34 -30.64
N ILE H 87 12.28 16.44 -29.33
CA ILE H 87 11.23 16.87 -28.42
C ILE H 87 11.70 18.13 -27.69
N PRO H 88 10.88 19.20 -27.72
CA PRO H 88 11.21 20.42 -26.98
C PRO H 88 11.10 20.21 -25.47
N CYS H 89 11.54 21.18 -24.69
CA CYS H 89 11.61 21.02 -23.25
C CYS H 89 11.11 22.25 -22.51
N ILE H 90 9.91 22.15 -21.95
CA ILE H 90 9.32 23.26 -21.20
C ILE H 90 9.76 23.25 -19.75
N VAL H 91 10.43 24.31 -19.32
CA VAL H 91 10.89 24.43 -17.95
C VAL H 91 10.26 25.65 -17.27
N SER H 92 9.29 25.39 -16.40
CA SER H 92 8.50 26.46 -15.81
C SER H 92 8.74 26.67 -14.32
N MET H 93 9.19 27.88 -13.98
CA MET H 93 9.22 28.33 -12.60
C MET H 93 8.18 29.42 -12.40
N LEU H 94 7.12 29.36 -13.21
CA LEU H 94 6.05 30.33 -13.14
C LEU H 94 5.14 30.00 -11.98
N THR H 95 4.48 31.02 -11.42
CA THR H 95 3.64 30.81 -10.26
C THR H 95 2.17 31.07 -10.58
N LYS H 96 1.91 31.56 -11.79
CA LYS H 96 0.54 31.78 -12.24
C LYS H 96 0.36 31.32 -13.67
N GLU H 97 -0.89 31.29 -14.12
CA GLU H 97 -1.20 30.97 -15.50
C GLU H 97 -0.96 32.19 -16.37
N LEU H 98 -0.54 31.98 -17.61
CA LEU H 98 -0.20 33.09 -18.48
C LEU H 98 -1.09 33.12 -19.73
N TYR H 99 -1.81 34.23 -19.90
CA TYR H 99 -2.66 34.41 -21.07
C TYR H 99 -2.28 35.69 -21.82
N PHE H 100 -2.31 35.62 -23.15
CA PHE H 100 -1.96 36.77 -23.97
C PHE H 100 -3.20 37.56 -24.39
N TYR H 101 -4.25 37.51 -23.58
CA TYR H 101 -5.47 38.24 -23.87
C TYR H 101 -6.21 38.60 -22.59
N ASP I 1 -6.45 -5.62 -3.83
CA ASP I 1 -7.04 -6.30 -2.68
C ASP I 1 -8.57 -6.29 -2.76
N GLU I 2 -9.17 -7.47 -2.71
CA GLU I 2 -10.62 -7.60 -2.73
C GLU I 2 -11.11 -8.32 -1.48
N VAL I 3 -12.43 -8.32 -1.27
CA VAL I 3 -13.01 -9.03 -0.14
C VAL I 3 -13.86 -10.20 -0.62
N MKE I 4 -14.00 -11.21 0.23
CA MKE I 4 -14.80 -12.42 -0.10
CB MKE I 4 -14.06 -13.67 0.37
CG MKE I 4 -12.58 -13.59 0.04
CD MKE I 4 -12.31 -14.27 -1.28
OE1 MKE I 4 -11.38 -15.10 -1.35
OE2 MKE I 4 -13.02 -13.97 -2.27
C MKE I 4 -16.16 -12.37 0.53
O MKE I 4 -16.97 -13.24 0.27
CMK MKE I 4 -16.47 -11.25 1.49
N ASP J 1 -24.23 -35.39 36.87
CA ASP J 1 -23.86 -34.71 35.63
C ASP J 1 -24.99 -33.81 35.14
N GLU J 2 -24.71 -32.51 35.08
CA GLU J 2 -25.70 -31.52 34.65
C GLU J 2 -25.14 -30.66 33.53
N VAL J 3 -26.03 -29.99 32.80
CA VAL J 3 -25.62 -29.11 31.70
C VAL J 3 -25.59 -27.66 32.14
N MKE J 4 -24.96 -26.82 31.33
CA MKE J 4 -24.84 -25.36 31.63
CB MKE J 4 -23.39 -24.92 31.53
CG MKE J 4 -22.43 -25.98 32.07
CD MKE J 4 -22.08 -25.70 33.51
OE1 MKE J 4 -22.95 -25.22 34.26
OE2 MKE J 4 -20.91 -25.93 33.89
C MKE J 4 -25.65 -24.53 30.68
O MKE J 4 -25.74 -23.32 30.86
CMK MKE J 4 -26.34 -25.20 29.53
N ASP K 1 13.01 23.16 9.78
CA ASP K 1 13.26 23.18 8.35
C ASP K 1 14.69 22.73 8.02
N GLU K 2 14.80 21.70 7.20
CA GLU K 2 16.10 21.14 6.83
C GLU K 2 16.21 20.99 5.32
N VAL K 3 17.44 20.92 4.83
CA VAL K 3 17.68 20.73 3.40
C VAL K 3 17.95 19.27 3.07
N MKE K 4 17.83 18.92 1.80
CA MKE K 4 18.10 17.53 1.33
CB MKE K 4 16.93 17.01 0.51
CG MKE K 4 15.60 17.56 1.02
CD MKE K 4 14.77 16.43 1.59
OE1 MKE K 4 15.36 15.48 2.14
OE2 MKE K 4 13.52 16.50 1.51
C MKE K 4 19.35 17.48 0.51
O MKE K 4 19.76 16.40 0.10
CMK MKE K 4 20.06 18.76 0.21
N ASP L 1 18.22 20.09 -43.46
CA ASP L 1 18.24 19.77 -42.04
C ASP L 1 19.65 19.81 -41.46
N GLU L 2 19.90 20.82 -40.63
CA GLU L 2 21.16 20.92 -39.91
C GLU L 2 20.88 20.97 -38.40
N VAL L 3 21.93 20.84 -37.60
CA VAL L 3 21.78 20.96 -36.16
C VAL L 3 22.45 22.23 -35.64
N MKE L 4 22.08 22.65 -34.45
CA MKE L 4 22.63 23.89 -33.84
CB MKE L 4 21.51 24.66 -33.17
CG MKE L 4 20.26 24.69 -34.05
CD MKE L 4 20.25 25.93 -34.91
OE1 MKE L 4 19.16 26.51 -35.10
OE2 MKE L 4 21.32 26.34 -35.40
C MKE L 4 23.71 23.61 -32.85
O MKE L 4 24.32 24.54 -32.34
CMK MKE L 4 24.04 22.18 -32.51
#